data_6TDW
#
_entry.id   6TDW
#
_cell.length_a   1.00
_cell.length_b   1.00
_cell.length_c   1.00
_cell.angle_alpha   90.00
_cell.angle_beta   90.00
_cell.angle_gamma   90.00
#
_symmetry.space_group_name_H-M   'P 1'
#
loop_
_entity.id
_entity.type
_entity.pdbx_description
1 polymer ATPTB1
2 polymer 'subunit d'
3 polymer ATPTB3
4 polymer ATPTB4
5 polymer 'oligomycin sensitivity conferrring protein (OSCP)'
6 polymer 'subunit b'
7 polymer 'subunit 8'
#
loop_
_entity_poly.entity_id
_entity_poly.type
_entity_poly.pdbx_seq_one_letter_code
_entity_poly.pdbx_strand_id
1 'polypeptide(L)'
;MTAVVKNLAKLPAATSQILTNVSKLQTFHGLLEERRDKYAPLAYHTYDNLKQKTTWHPIAHAWVDEGLPVSKKEYNEYCW
LKKDMQRLLPLASPFVFGIYGILPLAVWLSNDGYLPSAFSSKKDIVSKKLEWYSSYGDDLRQQVGPMLQHRLKRHLRGTL
NNEHRLMLDEVTESYKEIFYSHYTGQLRDVRKCAHLRLYDGTSTVLLLTNKEPVELTSELLQKWNAIKAAKLSPEEEKKA
RNEALIEAYKEQELHGGPHVKHMQGYGIPSDTPLLGENAKGDQYTQPPESASIPLEQLEWTGDTVFIPAEYRTEVEDWGR
ELTKLANQFLLLPWRFVSNAWNQRRLVSWFEEILQEDALIAKEGGVQALSDDELKVALLDRAVIRCDEELTRGDMEARYK
EISWLMSLRNPFIVLAWQTGYYRSTYSPEDDLPEASILPKLNRTVLDVDVHNELAPDHPEKPLPRVHPALYPNSHLALAK
EVAVLAK
;
A
2 'polypeptide(L)'
;MMRRACRIIRPSHVRGVSGVAPTIYLRSKAALPATSTTDVRPQLYALQRFAKAQLKTATEAERAAIEADIARYQEYLDSD
LEKLKQDVAEDTAKKQKLIPLLDRYPDVPIEKIPEHANVLLKKIDACLEILSKDIGEVTDAEAHEMYFETSKFQILHIYT
GCVASFPEGDVPPGAVECLPGQVIRTKVNGEDVMLEIDEVDPGYQVCWFKPDVPLPENAEILWSYPYEPTAALPTGTTWE
EGQANVLIPAEPTPEAAVWPPTPVTNVYAPMAEKLALKSNPELKVLFKEALLQPAKLLPLDVDYQCSHDREVVEAKRDRY
LTALVEAEQAPPLPFTPDVLQLQLEHNVLKGELIDRLRALEYTIVTEQLQARLHERRLRGDVIDEWEELDYHPLVRDDTY
LAIDFGDPTFGRYIWKLFPHTDGDEECMFKDTRLDVLPPQVNPLNAILAQHTAQTPVHRSLEKRLWTEVRATAVSE
;
H
3 'polypeptide(L)'
;MAAKTIPFVASTALGERLFAGVQKVLAAAKAPVSLVQTDAKFAPADAKYLLAEPLSAAATGELANKYGLSSKVTSGAASQ
FYPNSIYPSLNVEVVQNLYALSNPAFSSLSATTTKAVTVKDESAIKLAELQKETERNISSFFRDEANKSVQATLRLACDK
AIKTKADKKTVMVVTKPHGDAFDDLLAQVTKSESDGRADELRNSSVSVEPTLVGNAWPKLVMFPEGVNVVVCGPNASGDQ
VAQLFVGIAGGTGMVAQQLVGDAVVFTSANAEDNENPTGALLAASNLLTALGHEAEAKKIAAAVAKAYTTDRILPKELPG
GKADLEAFIDAVAKHASA
;
B
4 'polypeptide(L)'
;MFRGFRPVLAADAVKFQTLYNVLTGKQHLKDQVPVKDCNLTAIFGASWKADLNKWFDSEYAPKLPAAERDSAKKSLDLYL
KRVDLTRYTREELTTYGILACGPGKVDALTEKHLLETGKARLEELTAGLGNKDEGVNAFRKEVEQEGKYANWPAEKSKAL
ADKVIAASP
;
C
5 'polypeptide(L)'
;MHMRRAVSVFGRCRSLNGLRNYAVPSPKYIEIYQSDFSRNAYPLELLGGSHVDFAKLLYSFADQVENKKFEVYVEDFKKL
DSIIAEKGPFWAEEKIFQSPTFQGLSEGFKFILGWIQSEGAIDRLENVRLAYKELVNEARKETTATVIVAKEPSGNDLAE
IRKQVEELHKESPLKDYKLVLETKVDPSIGGGYILEVCNQVVNRSAAAAAAETAALAKASAAQVDWTSLPAAPPRPSPSA
PDTLIRLLGSVVDDLADADKVEQKYGA
;
M
6 'polypeptide(L)'
;MPSTSPADKDVPMSILHTHGLSYVNWCMSLAPGLLVFEGFFRARYYRSRVPPSRTVLMNGLKMRMFSLARQQAPKIVHKP
VLSPIPEHLRLVKNVAQVQIDMLKLLNAQAAK
;
N
7 'polypeptide(L)' LIPVSLVDLININIIFYILLLYTLLLFFIPLFLASINYTYHYIYKYYNYNYNFINNNT T
#
# COMPACT_ATOMS: atom_id res chain seq x y z
N LEU A 463 -35.75 21.30 -31.21
CA LEU A 463 -34.92 20.82 -30.12
C LEU A 463 -34.05 21.95 -29.57
N PRO A 464 -33.52 21.80 -28.35
CA PRO A 464 -32.65 22.84 -27.79
C PRO A 464 -31.35 22.97 -28.59
N ARG A 465 -30.63 24.04 -28.28
CA ARG A 465 -29.38 24.36 -28.95
C ARG A 465 -28.21 24.05 -28.02
N VAL A 466 -27.05 23.79 -28.63
CA VAL A 466 -25.81 23.50 -27.91
C VAL A 466 -24.68 24.28 -28.53
N HIS A 467 -23.79 24.77 -27.71
CA HIS A 467 -22.69 25.56 -28.20
C HIS A 467 -21.60 24.63 -28.75
N PRO A 468 -20.86 25.06 -29.77
CA PRO A 468 -19.68 24.29 -30.19
C PRO A 468 -18.68 24.07 -29.07
N ALA A 469 -18.72 24.87 -28.00
CA ALA A 469 -17.90 24.57 -26.83
C ALA A 469 -18.48 23.43 -26.02
N LEU A 470 -19.81 23.31 -25.98
CA LEU A 470 -20.42 22.17 -25.30
C LEU A 470 -20.31 20.90 -26.11
N TYR A 471 -19.98 21.00 -27.40
CA TYR A 471 -19.59 19.81 -28.14
C TYR A 471 -18.36 19.19 -27.48
N PRO A 472 -18.05 17.93 -27.78
CA PRO A 472 -16.88 17.30 -27.17
C PRO A 472 -15.62 17.52 -27.98
N ASN A 473 -14.53 17.76 -27.26
CA ASN A 473 -13.24 18.12 -27.86
C ASN A 473 -13.43 19.31 -28.80
N SER A 474 -13.81 20.43 -28.20
CA SER A 474 -14.13 21.63 -28.97
C SER A 474 -12.91 22.49 -29.22
N HIS A 475 -12.10 22.71 -28.17
CA HIS A 475 -10.92 23.56 -28.27
C HIS A 475 -10.00 23.18 -29.42
N LEU A 476 -9.98 21.90 -29.80
CA LEU A 476 -9.12 21.45 -30.89
C LEU A 476 -9.49 22.14 -32.19
N ALA A 477 -10.78 22.17 -32.53
CA ALA A 477 -11.23 22.79 -33.76
C ALA A 477 -11.49 24.28 -33.60
N LEU A 478 -11.65 24.76 -32.37
CA LEU A 478 -11.89 26.17 -32.10
C LEU A 478 -10.62 26.95 -31.78
N ALA A 479 -9.45 26.31 -31.82
CA ALA A 479 -8.21 26.98 -31.44
C ALA A 479 -7.93 28.21 -32.29
N LYS A 480 -8.34 28.19 -33.55
CA LYS A 480 -8.08 29.33 -34.43
C LYS A 480 -8.84 30.56 -33.95
N GLU A 481 -10.13 30.41 -33.69
CA GLU A 481 -10.94 31.53 -33.24
C GLU A 481 -10.44 32.07 -31.91
N VAL A 482 -9.93 31.18 -31.05
CA VAL A 482 -9.40 31.62 -29.76
C VAL A 482 -8.21 32.54 -29.97
N ALA A 483 -7.24 32.11 -30.78
CA ALA A 483 -6.08 32.95 -31.02
C ALA A 483 -6.46 34.26 -31.70
N VAL A 484 -7.48 34.22 -32.55
CA VAL A 484 -7.92 35.46 -33.20
C VAL A 484 -8.60 36.39 -32.21
N LEU A 485 -9.26 35.84 -31.18
CA LEU A 485 -10.11 36.63 -30.31
C LEU A 485 -9.37 37.17 -29.09
N ALA A 486 -8.56 36.33 -28.44
CA ALA A 486 -7.96 36.70 -27.17
C ALA A 486 -6.90 37.79 -27.31
N LYS A 487 -6.46 38.09 -28.53
CA LYS A 487 -5.49 39.16 -28.73
C LYS A 487 -6.12 40.51 -28.44
N VAL B 17 -4.15 -10.32 28.45
CA VAL B 17 -2.97 -9.65 27.89
C VAL B 17 -1.72 -10.08 28.64
N SER B 18 -1.45 -11.38 28.61
CA SER B 18 -0.33 -11.95 29.34
C SER B 18 0.99 -11.40 28.80
N GLY B 19 2.06 -11.69 29.54
CA GLY B 19 3.39 -11.35 29.11
C GLY B 19 3.74 -9.90 29.36
N VAL B 20 4.94 -9.65 29.89
CA VAL B 20 5.43 -8.29 30.05
C VAL B 20 5.67 -7.73 28.66
N ALA B 21 4.82 -6.82 28.24
CA ALA B 21 4.94 -6.25 26.91
C ALA B 21 6.25 -5.47 26.80
N PRO B 22 7.01 -5.62 25.72
CA PRO B 22 8.30 -4.92 25.63
C PRO B 22 8.12 -3.45 25.30
N THR B 23 7.15 -3.17 24.43
CA THR B 23 6.86 -1.83 23.96
C THR B 23 5.44 -1.45 24.35
N ILE B 24 5.10 -0.20 24.06
CA ILE B 24 3.84 0.39 24.45
C ILE B 24 3.23 1.03 23.22
N TYR B 25 1.90 1.03 23.14
CA TYR B 25 1.23 1.59 21.98
C TYR B 25 1.27 3.11 22.06
N LEU B 26 2.44 3.66 21.73
CA LEU B 26 2.61 5.09 21.48
C LEU B 26 2.75 5.29 19.99
N ARG B 27 2.00 6.25 19.46
CA ARG B 27 2.00 6.53 18.03
C ARG B 27 2.05 8.04 17.82
N SER B 28 2.60 8.42 16.67
CA SER B 28 2.65 9.81 16.24
C SER B 28 2.06 9.93 14.85
N LYS B 29 1.28 10.99 14.64
CA LYS B 29 0.71 11.25 13.33
C LYS B 29 1.78 11.45 12.28
N ALA B 30 2.97 11.91 12.68
CA ALA B 30 4.10 11.96 11.77
C ALA B 30 4.57 10.57 11.39
N ALA B 31 4.57 9.64 12.35
CA ALA B 31 5.00 8.27 12.05
C ALA B 31 3.98 7.54 11.19
N LEU B 32 2.70 7.87 11.35
CA LEU B 32 1.69 7.28 10.48
C LEU B 32 1.93 7.73 9.05
N PRO B 33 2.26 6.82 8.09
CA PRO B 33 2.61 7.30 6.75
C PRO B 33 1.44 7.92 6.01
N ALA B 34 1.51 9.23 5.77
CA ALA B 34 0.48 9.99 5.07
C ALA B 34 1.13 10.66 3.86
N THR B 35 1.19 9.91 2.75
CA THR B 35 1.78 10.39 1.50
C THR B 35 0.71 10.82 0.50
N SER B 36 -0.19 9.90 0.16
CA SER B 36 -1.26 10.19 -0.81
C SER B 36 -0.68 10.58 -2.16
N THR B 37 0.34 9.87 -2.61
CA THR B 37 0.97 10.16 -3.88
C THR B 37 0.04 9.79 -5.04
N THR B 38 0.39 10.29 -6.23
CA THR B 38 -0.32 9.97 -7.46
C THR B 38 0.73 9.72 -8.53
N ASP B 39 1.04 8.46 -8.79
CA ASP B 39 2.05 8.10 -9.77
C ASP B 39 1.46 8.12 -11.17
N VAL B 40 2.33 8.34 -12.15
CA VAL B 40 1.93 8.52 -13.53
C VAL B 40 2.55 7.48 -14.44
N ARG B 41 3.82 7.14 -14.22
CA ARG B 41 4.50 6.14 -15.04
C ARG B 41 3.80 4.79 -15.06
N PRO B 42 3.38 4.20 -13.93
CA PRO B 42 2.74 2.88 -14.03
C PRO B 42 1.39 2.93 -14.71
N GLN B 43 0.62 4.00 -14.47
CA GLN B 43 -0.62 4.19 -15.22
C GLN B 43 -0.35 4.25 -16.71
N LEU B 44 0.70 4.96 -17.11
CA LEU B 44 1.07 5.06 -18.51
C LEU B 44 1.45 3.70 -19.07
N TYR B 45 2.23 2.93 -18.31
CA TYR B 45 2.65 1.62 -18.80
C TYR B 45 1.47 0.67 -18.91
N ALA B 46 0.51 0.79 -18.01
CA ALA B 46 -0.69 -0.03 -18.10
C ALA B 46 -1.48 0.34 -19.36
N LEU B 47 -1.57 1.64 -19.65
CA LEU B 47 -2.16 2.08 -20.90
C LEU B 47 -1.45 1.46 -22.09
N GLN B 48 -0.11 1.43 -22.03
CA GLN B 48 0.68 0.89 -23.14
C GLN B 48 0.37 -0.58 -23.35
N ARG B 49 0.35 -1.36 -22.27
CA ARG B 49 0.08 -2.79 -22.37
C ARG B 49 -1.34 -3.04 -22.84
N PHE B 50 -2.29 -2.21 -22.42
CA PHE B 50 -3.66 -2.36 -22.86
C PHE B 50 -3.76 -2.12 -24.37
N ALA B 51 -3.08 -1.10 -24.87
CA ALA B 51 -3.08 -0.86 -26.30
C ALA B 51 -2.41 -2.00 -27.05
N LYS B 52 -1.34 -2.55 -26.47
CA LYS B 52 -0.68 -3.70 -27.09
C LYS B 52 -1.63 -4.88 -27.19
N ALA B 53 -2.48 -5.07 -26.18
CA ALA B 53 -3.45 -6.16 -26.23
C ALA B 53 -4.52 -5.89 -27.29
N GLN B 54 -5.02 -4.66 -27.35
CA GLN B 54 -6.02 -4.32 -28.35
C GLN B 54 -5.47 -4.38 -29.77
N LEU B 55 -4.14 -4.30 -29.92
CA LEU B 55 -3.52 -4.41 -31.23
C LEU B 55 -3.89 -5.71 -31.92
N LYS B 56 -4.02 -6.79 -31.16
CA LYS B 56 -4.28 -8.10 -31.75
C LYS B 56 -5.66 -8.16 -32.40
N THR B 57 -6.66 -7.58 -31.75
CA THR B 57 -8.00 -7.53 -32.32
C THR B 57 -8.17 -6.37 -33.29
N ALA B 58 -7.22 -5.45 -33.36
CA ALA B 58 -7.34 -4.29 -34.22
C ALA B 58 -7.22 -4.66 -35.70
N THR B 59 -7.91 -3.91 -36.55
CA THR B 59 -7.74 -3.98 -37.98
C THR B 59 -6.55 -3.11 -38.40
N GLU B 60 -6.31 -3.04 -39.72
CA GLU B 60 -5.06 -2.46 -40.21
C GLU B 60 -4.99 -0.95 -39.98
N ALA B 61 -6.07 -0.23 -40.26
CA ALA B 61 -6.08 1.21 -40.03
C ALA B 61 -5.86 1.54 -38.56
N GLU B 62 -6.67 0.93 -37.70
CA GLU B 62 -6.51 1.15 -36.26
C GLU B 62 -5.20 0.56 -35.78
N ARG B 63 -4.69 -0.49 -36.43
CA ARG B 63 -3.37 -1.00 -36.09
C ARG B 63 -2.31 0.06 -36.31
N ALA B 64 -2.42 0.81 -37.42
CA ALA B 64 -1.43 1.85 -37.71
C ALA B 64 -1.56 3.00 -36.72
N ALA B 65 -2.78 3.47 -36.49
CA ALA B 65 -3.00 4.54 -35.51
C ALA B 65 -2.49 4.14 -34.14
N ILE B 66 -2.68 2.87 -33.77
CA ILE B 66 -2.26 2.40 -32.47
C ILE B 66 -0.75 2.25 -32.40
N GLU B 67 -0.11 1.90 -33.51
CA GLU B 67 1.34 1.89 -33.51
C GLU B 67 1.91 3.29 -33.33
N ALA B 68 1.28 4.28 -33.95
CA ALA B 68 1.69 5.66 -33.73
C ALA B 68 1.49 6.05 -32.27
N ASP B 69 0.36 5.66 -31.68
CA ASP B 69 0.12 5.94 -30.27
C ASP B 69 1.17 5.29 -29.38
N ILE B 70 1.51 4.03 -29.67
CA ILE B 70 2.49 3.32 -28.87
C ILE B 70 3.85 4.01 -28.95
N ALA B 71 4.24 4.43 -30.15
CA ALA B 71 5.48 5.17 -30.29
C ALA B 71 5.42 6.49 -29.53
N ARG B 72 4.24 7.11 -29.48
CA ARG B 72 4.10 8.35 -28.72
C ARG B 72 4.32 8.11 -27.23
N TYR B 73 3.75 7.03 -26.71
CA TYR B 73 3.92 6.74 -25.29
C TYR B 73 5.37 6.39 -24.98
N GLN B 74 6.03 5.67 -25.89
CA GLN B 74 7.44 5.37 -25.66
C GLN B 74 8.30 6.62 -25.72
N GLU B 75 7.94 7.58 -26.58
CA GLU B 75 8.63 8.86 -26.59
C GLU B 75 8.45 9.59 -25.27
N TYR B 76 7.22 9.55 -24.72
CA TYR B 76 6.96 10.18 -23.43
C TYR B 76 7.85 9.56 -22.36
N LEU B 77 7.94 8.23 -22.35
CA LEU B 77 8.74 7.55 -21.34
C LEU B 77 10.22 7.87 -21.49
N ASP B 78 10.72 7.92 -22.73
CA ASP B 78 12.12 8.21 -22.94
C ASP B 78 12.45 9.66 -22.60
N SER B 79 11.49 10.56 -22.72
CA SER B 79 11.67 11.96 -22.37
C SER B 79 11.25 12.27 -20.94
N ASP B 80 10.81 11.28 -20.17
CA ASP B 80 10.54 11.43 -18.74
C ASP B 80 9.35 12.36 -18.50
N LEU B 81 8.29 12.17 -19.26
CA LEU B 81 6.97 12.78 -19.08
C LEU B 81 6.93 14.28 -19.36
N GLU B 82 8.06 14.91 -19.66
CA GLU B 82 8.03 16.36 -19.89
C GLU B 82 7.24 16.67 -21.14
N LYS B 83 7.32 15.81 -22.16
CA LYS B 83 6.53 16.03 -23.36
C LYS B 83 5.04 15.96 -23.06
N LEU B 84 4.63 15.02 -22.22
CA LEU B 84 3.22 14.90 -21.89
C LEU B 84 2.75 16.09 -21.07
N LYS B 85 3.57 16.55 -20.12
CA LYS B 85 3.20 17.73 -19.36
C LYS B 85 3.07 18.94 -20.26
N GLN B 86 3.96 19.06 -21.25
CA GLN B 86 3.85 20.14 -22.22
C GLN B 86 2.55 20.03 -23.01
N ASP B 87 2.20 18.83 -23.46
CA ASP B 87 1.01 18.64 -24.27
C ASP B 87 -0.25 18.98 -23.48
N VAL B 88 -0.35 18.45 -22.25
CA VAL B 88 -1.53 18.73 -21.43
C VAL B 88 -1.58 20.21 -21.06
N ALA B 89 -0.42 20.84 -20.87
CA ALA B 89 -0.42 22.28 -20.62
C ALA B 89 -0.93 23.04 -21.82
N GLU B 90 -0.59 22.57 -23.04
CA GLU B 90 -1.12 23.22 -24.24
C GLU B 90 -2.63 23.12 -24.30
N ASP B 91 -3.16 21.92 -24.06
CA ASP B 91 -4.62 21.75 -24.11
C ASP B 91 -5.30 22.59 -23.03
N THR B 92 -4.75 22.59 -21.82
CA THR B 92 -5.34 23.39 -20.75
C THR B 92 -5.20 24.87 -21.03
N ALA B 93 -4.15 25.29 -21.75
CA ALA B 93 -4.04 26.69 -22.13
C ALA B 93 -5.12 27.06 -23.12
N LYS B 94 -5.39 26.18 -24.09
CA LYS B 94 -6.50 26.41 -25.00
C LYS B 94 -7.81 26.55 -24.23
N LYS B 95 -8.03 25.66 -23.25
CA LYS B 95 -9.26 25.71 -22.47
C LYS B 95 -9.39 27.02 -21.69
N GLN B 96 -8.34 27.36 -20.95
CA GLN B 96 -8.35 28.54 -20.09
C GLN B 96 -8.40 29.82 -20.90
N LYS B 97 -7.94 29.79 -22.16
CA LYS B 97 -8.16 30.91 -23.05
C LYS B 97 -9.59 30.92 -23.58
N LEU B 98 -10.20 29.74 -23.69
CA LEU B 98 -11.53 29.65 -24.28
C LEU B 98 -12.59 30.22 -23.33
N ILE B 99 -12.53 29.88 -22.04
CA ILE B 99 -13.64 30.20 -21.15
C ILE B 99 -13.91 31.70 -21.04
N PRO B 100 -12.91 32.57 -20.83
CA PRO B 100 -13.22 34.00 -20.71
C PRO B 100 -13.83 34.60 -21.97
N LEU B 101 -13.68 33.95 -23.13
CA LEU B 101 -14.34 34.43 -24.33
C LEU B 101 -15.81 34.05 -24.32
N LEU B 102 -16.13 32.87 -23.81
CA LEU B 102 -17.53 32.52 -23.57
C LEU B 102 -18.12 33.25 -22.39
N ASP B 103 -17.31 33.98 -21.62
CA ASP B 103 -17.85 34.84 -20.56
C ASP B 103 -18.56 35.99 -21.26
N ARG B 104 -19.80 35.72 -21.68
CA ARG B 104 -20.51 36.65 -22.55
C ARG B 104 -20.90 37.92 -21.82
N TYR B 105 -21.74 37.79 -20.80
CA TYR B 105 -22.24 38.91 -20.02
C TYR B 105 -21.66 38.85 -18.62
N PRO B 106 -20.43 39.32 -18.41
CA PRO B 106 -19.83 39.25 -17.07
C PRO B 106 -20.37 40.32 -16.15
N ASP B 107 -20.73 41.48 -16.71
CA ASP B 107 -21.29 42.56 -15.91
C ASP B 107 -22.67 42.21 -15.36
N VAL B 108 -23.33 41.20 -15.92
CA VAL B 108 -24.61 40.71 -15.42
C VAL B 108 -24.34 39.40 -14.69
N PRO B 109 -23.98 39.43 -13.42
CA PRO B 109 -23.68 38.16 -12.73
C PRO B 109 -24.91 37.31 -12.53
N ILE B 110 -24.75 36.19 -11.83
CA ILE B 110 -25.75 35.14 -11.87
C ILE B 110 -26.83 35.29 -10.78
N GLU B 111 -26.47 35.78 -9.59
CA GLU B 111 -27.46 35.92 -8.54
C GLU B 111 -28.47 37.01 -8.86
N LYS B 112 -28.09 38.00 -9.66
CA LYS B 112 -29.00 39.07 -10.04
C LYS B 112 -30.10 38.60 -10.98
N ILE B 113 -30.03 37.37 -11.50
CA ILE B 113 -31.02 36.86 -12.44
C ILE B 113 -32.37 36.62 -11.76
N PRO B 114 -32.45 35.88 -10.65
CA PRO B 114 -33.76 35.69 -10.01
C PRO B 114 -34.45 36.98 -9.62
N GLU B 115 -33.72 38.07 -9.41
CA GLU B 115 -34.37 39.37 -9.25
C GLU B 115 -35.10 39.76 -10.53
N HIS B 116 -34.44 39.61 -11.68
CA HIS B 116 -35.10 39.87 -12.96
C HIS B 116 -36.31 38.96 -13.12
N ALA B 117 -36.21 37.72 -12.65
CA ALA B 117 -37.30 36.77 -12.79
C ALA B 117 -38.50 37.19 -11.94
N ASN B 118 -38.25 37.63 -10.70
CA ASN B 118 -39.31 38.19 -9.87
C ASN B 118 -39.96 39.38 -10.54
N VAL B 119 -39.13 40.23 -11.17
CA VAL B 119 -39.67 41.41 -11.85
C VAL B 119 -40.59 41.00 -12.99
N LEU B 120 -40.17 40.02 -13.79
CA LEU B 120 -40.99 39.61 -14.92
C LEU B 120 -42.26 38.89 -14.46
N LEU B 121 -42.18 38.13 -13.36
CA LEU B 121 -43.38 37.50 -12.83
C LEU B 121 -44.36 38.55 -12.30
N LYS B 122 -43.84 39.61 -11.68
CA LYS B 122 -44.70 40.71 -11.23
C LYS B 122 -45.34 41.41 -12.43
N LYS B 123 -44.58 41.55 -13.53
CA LYS B 123 -45.13 42.19 -14.71
C LYS B 123 -46.24 41.36 -15.33
N ILE B 124 -46.01 40.06 -15.49
CA ILE B 124 -47.00 39.22 -16.16
C ILE B 124 -48.21 38.98 -15.25
N ASP B 125 -48.02 38.99 -13.94
CA ASP B 125 -49.13 38.81 -13.01
C ASP B 125 -50.02 40.04 -12.98
N TRP B 259 -50.32 24.47 -16.68
CA TRP B 259 -49.37 24.10 -17.71
C TRP B 259 -48.42 23.02 -17.15
N PRO B 260 -47.99 22.05 -17.97
CA PRO B 260 -47.06 21.03 -17.44
C PRO B 260 -45.71 21.65 -17.12
N PRO B 261 -45.29 21.65 -15.85
CA PRO B 261 -43.98 22.22 -15.53
C PRO B 261 -42.86 21.24 -15.81
N THR B 262 -41.67 21.79 -16.04
CA THR B 262 -40.48 20.99 -16.28
C THR B 262 -39.71 20.81 -14.97
N PRO B 263 -39.30 19.61 -14.59
CA PRO B 263 -38.59 19.44 -13.32
C PRO B 263 -37.11 19.76 -13.48
N VAL B 264 -36.40 19.70 -12.35
CA VAL B 264 -34.97 19.95 -12.31
C VAL B 264 -34.32 18.91 -11.41
N THR B 265 -33.07 18.58 -11.73
CA THR B 265 -32.27 17.62 -10.98
C THR B 265 -31.24 18.41 -10.19
N ASN B 266 -31.54 18.68 -8.93
CA ASN B 266 -30.67 19.49 -8.06
C ASN B 266 -29.74 18.54 -7.33
N VAL B 267 -28.45 18.61 -7.66
CA VAL B 267 -27.44 17.70 -7.13
C VAL B 267 -26.55 18.46 -6.16
N TYR B 268 -26.24 19.71 -6.49
CA TYR B 268 -25.28 20.49 -5.72
C TYR B 268 -25.89 21.13 -4.48
N ALA B 269 -27.21 21.10 -4.33
CA ALA B 269 -27.84 21.63 -3.12
C ALA B 269 -27.76 20.65 -1.95
N PRO B 270 -28.00 19.35 -2.16
CA PRO B 270 -27.74 18.38 -1.07
C PRO B 270 -26.35 18.47 -0.49
N MET B 271 -25.33 18.61 -1.32
CA MET B 271 -23.97 18.72 -0.80
C MET B 271 -23.79 19.98 0.02
N ALA B 272 -24.56 21.03 -0.28
CA ALA B 272 -24.49 22.24 0.53
C ALA B 272 -24.97 21.99 1.96
N GLU B 273 -25.86 21.01 2.14
CA GLU B 273 -26.33 20.68 3.48
C GLU B 273 -25.19 20.08 4.31
N LYS B 274 -24.33 19.29 3.68
CA LYS B 274 -23.21 18.70 4.41
C LYS B 274 -22.25 19.76 4.92
N LEU B 275 -22.13 20.87 4.20
CA LEU B 275 -21.31 21.98 4.70
C LEU B 275 -21.89 22.55 5.98
N ALA B 276 -23.22 22.53 6.13
CA ALA B 276 -23.83 23.02 7.36
C ALA B 276 -23.46 22.16 8.55
N LEU B 277 -22.99 20.93 8.34
CA LEU B 277 -22.50 20.06 9.39
C LEU B 277 -20.98 20.08 9.50
N LYS B 278 -20.28 19.81 8.40
CA LYS B 278 -18.83 19.66 8.46
C LYS B 278 -18.14 20.98 8.79
N SER B 279 -18.74 22.11 8.45
CA SER B 279 -18.16 23.41 8.74
C SER B 279 -18.39 23.86 10.17
N ASN B 280 -19.06 23.05 10.99
CA ASN B 280 -19.35 23.46 12.36
C ASN B 280 -18.06 23.56 13.17
N PRO B 281 -18.08 24.33 14.27
CA PRO B 281 -16.89 24.40 15.12
C PRO B 281 -16.79 23.24 16.08
N GLU B 282 -17.94 22.74 16.54
CA GLU B 282 -17.94 21.63 17.49
C GLU B 282 -17.41 20.36 16.85
N LEU B 283 -17.78 20.12 15.60
CA LEU B 283 -17.32 18.92 14.91
C LEU B 283 -15.81 18.94 14.75
N LYS B 284 -15.23 20.12 14.54
CA LYS B 284 -13.78 20.25 14.42
C LYS B 284 -13.10 20.24 15.79
N VAL B 285 -13.79 20.70 16.83
CA VAL B 285 -13.23 20.63 18.17
C VAL B 285 -13.02 19.18 18.59
N LEU B 286 -14.00 18.33 18.31
CA LEU B 286 -13.87 16.92 18.65
C LEU B 286 -12.72 16.28 17.88
N PHE B 287 -12.59 16.60 16.60
CA PHE B 287 -11.42 16.17 15.84
C PHE B 287 -10.14 16.67 16.48
N LYS B 288 -10.16 17.92 16.93
CA LYS B 288 -8.97 18.51 17.54
C LYS B 288 -8.64 17.87 18.88
N GLU B 289 -9.65 17.33 19.56
CA GLU B 289 -9.49 16.75 20.89
C GLU B 289 -9.54 15.24 20.91
N ALA B 290 -9.99 14.59 19.84
CA ALA B 290 -10.04 13.14 19.80
C ALA B 290 -8.68 12.54 19.44
N LEU B 291 -8.05 13.08 18.40
CA LEU B 291 -6.77 12.54 17.95
C LEU B 291 -5.68 12.74 19.00
N LEU B 292 -5.80 13.79 19.81
CA LEU B 292 -4.80 14.03 20.85
C LEU B 292 -4.98 13.10 22.04
N GLN B 293 -6.19 12.59 22.27
CA GLN B 293 -6.47 11.67 23.37
C GLN B 293 -7.58 10.73 22.94
N PRO B 294 -7.28 9.81 22.01
CA PRO B 294 -8.32 8.92 21.49
C PRO B 294 -8.63 7.74 22.39
N ALA B 295 -7.77 7.44 23.36
CA ALA B 295 -8.04 6.33 24.27
C ALA B 295 -9.28 6.54 25.10
N LYS B 296 -9.71 7.79 25.31
CA LYS B 296 -10.91 8.06 26.07
C LYS B 296 -12.13 7.44 25.41
N LEU B 297 -12.19 7.49 24.08
CA LEU B 297 -13.41 7.10 23.37
C LEU B 297 -13.65 5.60 23.48
N LEU B 298 -12.67 4.82 23.02
CA LEU B 298 -12.75 3.33 22.95
C LEU B 298 -12.65 2.72 24.36
N PRO B 299 -13.34 1.58 24.63
CA PRO B 299 -13.24 0.91 25.93
C PRO B 299 -12.00 0.01 25.93
N LEU B 300 -10.82 0.63 26.09
CA LEU B 300 -9.49 -0.04 26.05
C LEU B 300 -9.36 -1.04 27.21
N ASP B 301 -9.84 -0.68 28.40
CA ASP B 301 -9.74 -1.53 29.61
C ASP B 301 -10.51 -2.83 29.39
N VAL B 302 -11.71 -2.75 28.82
CA VAL B 302 -12.58 -3.93 28.52
C VAL B 302 -11.92 -4.77 27.42
N ASP B 303 -11.37 -4.11 26.39
CA ASP B 303 -10.74 -4.75 25.21
C ASP B 303 -9.48 -5.52 25.63
N TYR B 304 -8.66 -4.95 26.51
CA TYR B 304 -7.40 -5.55 27.00
C TYR B 304 -7.71 -6.80 27.82
N GLN B 305 -8.75 -6.74 28.67
CA GLN B 305 -9.21 -7.87 29.52
C GLN B 305 -9.80 -8.98 28.64
N CYS B 306 -10.60 -8.60 27.63
CA CYS B 306 -11.34 -9.50 26.70
C CYS B 306 -10.40 -10.31 25.79
N SER B 307 -9.33 -9.70 25.27
CA SER B 307 -8.40 -10.34 24.30
C SER B 307 -7.08 -10.77 24.98
N HIS B 308 -6.71 -12.07 24.92
CA HIS B 308 -5.47 -12.61 25.53
C HIS B 308 -4.24 -11.99 24.84
N ASP B 309 -4.32 -11.78 23.53
CA ASP B 309 -3.23 -11.21 22.69
C ASP B 309 -3.44 -9.69 22.57
N ARG B 310 -2.38 -8.88 22.77
CA ARG B 310 -2.44 -7.40 22.71
C ARG B 310 -2.27 -6.88 21.27
N GLU B 311 -1.86 -7.73 20.33
CA GLU B 311 -1.64 -7.34 18.91
C GLU B 311 -2.98 -6.94 18.29
N VAL B 312 -4.05 -7.69 18.60
CA VAL B 312 -5.43 -7.45 18.09
C VAL B 312 -5.94 -6.10 18.60
N VAL B 313 -5.68 -5.78 19.88
CA VAL B 313 -6.11 -4.53 20.55
C VAL B 313 -5.41 -3.33 19.89
N GLU B 314 -4.13 -3.47 19.58
CA GLU B 314 -3.30 -2.41 18.94
C GLU B 314 -3.82 -2.14 17.53
N ALA B 315 -4.21 -3.19 16.80
CA ALA B 315 -4.74 -3.12 15.42
C ALA B 315 -6.05 -2.34 15.39
N LYS B 316 -6.93 -2.56 16.38
CA LYS B 316 -8.25 -1.89 16.49
C LYS B 316 -8.06 -0.39 16.71
N ARG B 317 -7.12 -0.01 17.58
CA ARG B 317 -6.78 1.40 17.90
C ARG B 317 -6.18 2.06 16.67
N ASP B 318 -5.33 1.33 15.94
CA ASP B 318 -4.61 1.80 14.73
C ASP B 318 -5.61 2.14 13.62
N ARG B 319 -6.67 1.33 13.47
CA ARG B 319 -7.68 1.53 12.42
C ARG B 319 -8.55 2.73 12.72
N TYR B 320 -8.84 2.97 13.99
CA TYR B 320 -9.72 4.09 14.35
C TYR B 320 -9.09 5.42 13.99
N LEU B 321 -7.78 5.57 14.22
CA LEU B 321 -7.11 6.80 13.83
C LEU B 321 -7.18 7.02 12.33
N THR B 322 -6.92 5.97 11.56
CA THR B 322 -6.96 6.09 10.10
C THR B 322 -8.36 6.45 9.62
N ALA B 323 -9.38 5.93 10.30
CA ALA B 323 -10.74 6.32 9.96
C ALA B 323 -11.01 7.79 10.29
N LEU B 324 -10.39 8.28 11.36
CA LEU B 324 -10.58 9.68 11.75
C LEU B 324 -9.74 10.61 10.89
N VAL B 325 -8.49 10.24 10.63
CA VAL B 325 -7.62 11.07 9.79
C VAL B 325 -8.21 11.19 8.39
N GLU B 326 -8.72 10.08 7.86
CA GLU B 326 -9.36 10.13 6.55
C GLU B 326 -10.63 10.98 6.59
N ALA B 327 -11.32 10.99 7.73
CA ALA B 327 -12.58 11.73 7.83
C ALA B 327 -12.33 13.23 7.78
N GLU B 328 -11.43 13.73 8.63
CA GLU B 328 -11.19 15.18 8.68
C GLU B 328 -10.61 15.69 7.37
N GLN B 329 -9.66 14.96 6.81
CA GLN B 329 -9.04 15.38 5.56
C GLN B 329 -9.92 15.11 4.34
N ALA B 330 -11.00 14.36 4.49
CA ALA B 330 -11.91 14.15 3.38
C ALA B 330 -12.64 15.45 3.07
N PRO B 331 -12.94 15.73 1.79
CA PRO B 331 -13.65 16.96 1.46
C PRO B 331 -15.15 16.75 1.56
N PRO B 332 -15.94 17.80 1.37
CA PRO B 332 -17.39 17.60 1.26
C PRO B 332 -17.78 16.77 0.06
N LEU B 333 -17.04 16.89 -1.03
CA LEU B 333 -17.36 16.18 -2.25
C LEU B 333 -16.84 14.74 -2.17
N PRO B 334 -17.42 13.82 -2.95
CA PRO B 334 -16.84 12.48 -3.09
C PRO B 334 -15.89 12.32 -4.26
N PHE B 335 -15.82 13.30 -5.16
CA PHE B 335 -15.06 13.19 -6.41
C PHE B 335 -14.22 14.44 -6.62
N THR B 336 -13.43 14.40 -7.68
CA THR B 336 -12.55 15.50 -8.07
C THR B 336 -13.25 16.32 -9.15
N PRO B 337 -13.85 17.47 -8.84
CA PRO B 337 -14.64 18.18 -9.86
C PRO B 337 -13.73 18.88 -10.86
N ASP B 338 -14.00 18.66 -12.15
CA ASP B 338 -13.28 19.35 -13.21
C ASP B 338 -13.75 20.80 -13.23
N VAL B 339 -12.91 21.70 -12.72
CA VAL B 339 -13.32 23.09 -12.55
C VAL B 339 -13.58 23.74 -13.89
N LEU B 340 -12.71 23.48 -14.88
CA LEU B 340 -12.82 24.17 -16.15
C LEU B 340 -14.09 23.76 -16.90
N GLN B 341 -14.35 22.46 -16.97
CA GLN B 341 -15.54 21.99 -17.67
C GLN B 341 -16.84 22.39 -17.00
N LEU B 342 -16.79 22.85 -15.75
CA LEU B 342 -17.96 23.37 -15.07
C LEU B 342 -18.11 24.87 -15.29
N GLN B 343 -17.01 25.61 -15.21
CA GLN B 343 -17.06 27.03 -15.53
C GLN B 343 -17.42 27.25 -16.99
N LEU B 344 -17.08 26.28 -17.85
CA LEU B 344 -17.54 26.34 -19.23
C LEU B 344 -19.06 26.33 -19.29
N GLU B 345 -19.68 25.35 -18.65
CA GLU B 345 -21.13 25.24 -18.68
C GLU B 345 -21.78 26.43 -17.99
N HIS B 346 -21.21 26.87 -16.87
CA HIS B 346 -21.76 28.03 -16.19
C HIS B 346 -21.67 29.28 -17.06
N ASN B 347 -20.61 29.39 -17.88
CA ASN B 347 -20.48 30.55 -18.75
C ASN B 347 -21.36 30.43 -19.98
N VAL B 348 -21.63 29.21 -20.44
CA VAL B 348 -22.53 29.02 -21.57
C VAL B 348 -23.97 29.08 -21.09
N LEU B 349 -24.26 28.47 -19.95
CA LEU B 349 -25.61 28.47 -19.44
C LEU B 349 -26.06 29.88 -19.10
N LYS B 350 -25.17 30.66 -18.49
CA LYS B 350 -25.43 32.09 -18.33
C LYS B 350 -25.65 32.75 -19.67
N GLY B 351 -24.97 32.28 -20.72
CA GLY B 351 -25.19 32.82 -22.04
C GLY B 351 -26.52 32.44 -22.67
N GLU B 352 -27.27 31.53 -22.04
CA GLU B 352 -28.55 31.08 -22.56
C GLU B 352 -29.74 31.67 -21.81
N LEU B 353 -29.62 31.83 -20.49
CA LEU B 353 -30.74 32.33 -19.71
C LEU B 353 -31.07 33.77 -20.09
N ILE B 354 -30.05 34.60 -20.29
CA ILE B 354 -30.30 35.99 -20.65
C ILE B 354 -30.97 36.08 -22.01
N ASP B 355 -30.56 35.22 -22.94
CA ASP B 355 -31.23 35.16 -24.23
C ASP B 355 -32.65 34.60 -24.12
N ARG B 356 -32.95 33.85 -23.07
CA ARG B 356 -34.29 33.34 -22.83
C ARG B 356 -35.13 34.34 -22.04
N LEU B 357 -34.52 35.07 -21.11
CA LEU B 357 -35.26 36.05 -20.34
C LEU B 357 -35.81 37.17 -21.21
N ARG B 358 -35.09 37.55 -22.26
CA ARG B 358 -35.53 38.65 -23.10
C ARG B 358 -36.82 38.34 -23.83
N ALA B 359 -37.02 37.09 -24.24
CA ALA B 359 -38.24 36.69 -24.94
C ALA B 359 -39.33 36.32 -23.95
N PRO B 438 -43.81 20.50 -25.66
CA PRO B 438 -42.63 19.99 -26.35
C PRO B 438 -41.87 18.95 -25.54
N PRO B 439 -40.93 18.24 -26.16
CA PRO B 439 -40.19 17.21 -25.42
C PRO B 439 -39.18 17.80 -24.44
N GLN B 440 -38.49 16.93 -23.70
CA GLN B 440 -37.48 17.32 -22.72
C GLN B 440 -36.20 16.53 -22.92
N VAL B 441 -35.90 16.17 -24.16
CA VAL B 441 -34.72 15.37 -24.47
C VAL B 441 -33.48 16.25 -24.50
N ASN B 442 -32.33 15.63 -24.28
CA ASN B 442 -31.03 16.29 -24.31
C ASN B 442 -30.26 15.81 -25.54
N PRO B 443 -30.23 16.57 -26.64
CA PRO B 443 -29.52 16.09 -27.84
C PRO B 443 -28.03 15.91 -27.63
N LEU B 444 -27.48 16.48 -26.57
CA LEU B 444 -26.07 16.27 -26.25
C LEU B 444 -25.75 14.79 -26.12
N ASN B 445 -26.67 14.02 -25.54
CA ASN B 445 -26.46 12.59 -25.36
C ASN B 445 -26.45 11.84 -26.68
N ALA B 446 -27.05 12.39 -27.72
CA ALA B 446 -26.97 11.80 -29.05
C ALA B 446 -25.72 12.22 -29.81
N ILE B 447 -24.74 12.78 -29.12
CA ILE B 447 -23.42 13.07 -29.69
C ILE B 447 -22.33 12.27 -28.99
N LEU B 448 -22.33 12.29 -27.66
CA LEU B 448 -21.37 11.49 -26.90
C LEU B 448 -21.51 10.02 -27.24
N ALA B 449 -22.74 9.56 -27.49
CA ALA B 449 -22.95 8.20 -27.94
C ALA B 449 -22.28 7.93 -29.27
N GLN B 450 -22.06 8.95 -30.09
CA GLN B 450 -21.32 8.81 -31.33
C GLN B 450 -19.83 8.98 -31.12
N HIS B 451 -19.43 9.88 -30.22
CA HIS B 451 -18.01 10.14 -30.01
C HIS B 451 -17.32 8.92 -29.41
N THR B 452 -17.93 8.31 -28.38
CA THR B 452 -17.35 7.11 -27.79
C THR B 452 -17.26 5.98 -28.81
N ALA B 453 -18.22 5.91 -29.74
CA ALA B 453 -18.18 4.86 -30.74
C ALA B 453 -17.03 5.06 -31.70
N GLN B 454 -16.73 6.30 -32.06
CA GLN B 454 -15.67 6.57 -33.02
C GLN B 454 -14.31 6.22 -32.44
N THR B 455 -14.07 6.58 -31.19
CA THR B 455 -12.74 6.45 -30.63
C THR B 455 -12.49 5.04 -30.11
N PRO B 456 -11.25 4.55 -30.16
CA PRO B 456 -10.95 3.28 -29.48
C PRO B 456 -10.90 3.48 -27.98
N VAL B 457 -10.51 2.45 -27.25
CA VAL B 457 -10.58 2.50 -25.80
C VAL B 457 -9.37 3.21 -25.21
N HIS B 458 -8.19 3.00 -25.80
CA HIS B 458 -6.97 3.54 -25.19
C HIS B 458 -7.00 5.06 -25.13
N ARG B 459 -7.63 5.71 -26.10
CA ARG B 459 -7.77 7.16 -26.02
C ARG B 459 -8.71 7.54 -24.88
N SER B 460 -9.76 6.75 -24.65
CA SER B 460 -10.66 7.03 -23.53
C SER B 460 -9.94 6.89 -22.20
N LEU B 461 -9.13 5.84 -22.07
CA LEU B 461 -8.29 5.70 -20.89
C LEU B 461 -7.26 6.81 -20.82
N GLU B 462 -6.78 7.28 -21.96
CA GLU B 462 -5.80 8.36 -21.97
C GLU B 462 -6.37 9.64 -21.37
N LYS B 463 -7.69 9.82 -21.47
CA LYS B 463 -8.32 10.99 -20.87
C LYS B 463 -8.21 10.96 -19.36
N ARG B 464 -8.34 9.78 -18.76
CA ARG B 464 -8.16 9.65 -17.32
C ARG B 464 -6.75 10.03 -16.91
N LEU B 465 -5.77 9.74 -17.76
CA LEU B 465 -4.39 10.10 -17.47
C LEU B 465 -4.18 11.60 -17.55
N TRP B 466 -4.68 12.22 -18.62
CA TRP B 466 -4.49 13.65 -18.82
C TRP B 466 -5.19 14.45 -17.74
N THR B 467 -6.38 14.00 -17.31
CA THR B 467 -7.07 14.67 -16.22
C THR B 467 -6.27 14.61 -14.93
N GLU B 468 -5.71 13.44 -14.62
CA GLU B 468 -4.96 13.28 -13.39
C GLU B 468 -3.68 14.09 -13.39
N VAL B 469 -3.12 14.37 -14.57
CA VAL B 469 -1.91 15.16 -14.66
C VAL B 469 -2.20 16.64 -14.43
N ARG B 470 -3.41 17.09 -14.77
CA ARG B 470 -3.77 18.47 -14.50
C ARG B 470 -3.83 18.75 -13.00
N ALA B 471 -4.12 17.73 -12.20
CA ALA B 471 -4.11 17.91 -10.75
C ALA B 471 -2.71 18.13 -10.23
N THR B 472 -1.75 17.31 -10.65
CA THR B 472 -0.39 17.43 -10.14
C THR B 472 0.29 18.68 -10.66
N ALA B 473 0.18 18.95 -11.96
CA ALA B 473 0.87 20.10 -12.54
C ALA B 473 0.35 21.42 -11.97
N VAL B 474 -0.95 21.47 -11.64
CA VAL B 474 -1.48 22.64 -10.96
C VAL B 474 -1.02 22.68 -9.52
N SER B 475 -0.77 21.50 -8.92
CA SER B 475 -0.29 21.46 -7.54
C SER B 475 1.17 21.88 -7.46
N GLU B 476 2.04 21.25 -8.23
CA GLU B 476 3.47 21.58 -8.20
C GLU B 476 3.74 22.87 -8.96
N ALA C 3 34.01 -8.80 -22.73
CA ALA C 3 33.44 -8.41 -21.44
C ALA C 3 32.01 -7.91 -21.63
N LYS C 4 31.05 -8.71 -21.15
CA LYS C 4 29.65 -8.34 -21.26
C LYS C 4 29.37 -7.07 -20.45
N THR C 5 28.28 -6.41 -20.83
CA THR C 5 27.86 -5.15 -20.21
C THR C 5 26.52 -5.40 -19.54
N ILE C 6 26.57 -5.84 -18.28
CA ILE C 6 25.37 -6.04 -17.47
C ILE C 6 25.02 -4.70 -16.83
N PRO C 7 23.83 -4.15 -17.06
CA PRO C 7 23.52 -2.85 -16.46
C PRO C 7 23.46 -2.91 -14.94
N PHE C 8 23.33 -1.73 -14.35
CA PHE C 8 23.39 -1.57 -12.91
C PHE C 8 22.67 -0.28 -12.58
N VAL C 9 21.45 -0.40 -12.08
CA VAL C 9 20.63 0.76 -11.76
C VAL C 9 21.06 1.32 -10.41
N ALA C 10 21.15 2.65 -10.33
CA ALA C 10 21.54 3.30 -9.09
C ALA C 10 21.20 4.78 -9.16
N SER C 11 20.31 5.23 -8.28
CA SER C 11 19.95 6.64 -8.15
C SER C 11 20.51 7.27 -6.89
N THR C 12 21.48 6.64 -6.22
CA THR C 12 21.97 7.09 -4.93
C THR C 12 23.48 6.95 -4.86
N ALA C 13 24.07 7.72 -3.94
CA ALA C 13 25.49 7.59 -3.65
C ALA C 13 25.80 6.21 -3.09
N LEU C 14 24.83 5.59 -2.39
CA LEU C 14 24.98 4.22 -1.96
C LEU C 14 25.18 3.30 -3.16
N GLY C 15 24.33 3.44 -4.16
CA GLY C 15 24.49 2.66 -5.37
C GLY C 15 25.80 2.95 -6.09
N GLU C 16 26.27 4.19 -6.03
CA GLU C 16 27.51 4.55 -6.71
C GLU C 16 28.72 3.90 -6.02
N ARG C 17 28.81 4.05 -4.71
CA ARG C 17 29.93 3.44 -3.99
C ARG C 17 29.87 1.93 -4.09
N LEU C 18 28.67 1.36 -4.13
CA LEU C 18 28.58 -0.08 -4.32
C LEU C 18 28.95 -0.48 -5.73
N PHE C 19 28.70 0.36 -6.73
CA PHE C 19 29.21 0.09 -8.06
C PHE C 19 30.72 -0.01 -8.05
N ALA C 20 31.38 0.96 -7.42
CA ALA C 20 32.83 0.96 -7.37
C ALA C 20 33.35 -0.29 -6.64
N GLY C 21 32.76 -0.58 -5.49
CA GLY C 21 33.21 -1.74 -4.72
C GLY C 21 33.00 -3.05 -5.46
N VAL C 22 31.81 -3.24 -6.03
CA VAL C 22 31.50 -4.48 -6.72
C VAL C 22 32.34 -4.61 -7.98
N GLN C 23 32.66 -3.49 -8.63
CA GLN C 23 33.54 -3.55 -9.79
C GLN C 23 34.93 -4.00 -9.39
N LYS C 24 35.45 -3.47 -8.29
CA LYS C 24 36.74 -3.92 -7.78
C LYS C 24 36.71 -5.41 -7.49
N VAL C 25 35.66 -5.87 -6.81
CA VAL C 25 35.52 -7.28 -6.47
C VAL C 25 35.50 -8.14 -7.72
N LEU C 26 34.72 -7.72 -8.72
CA LEU C 26 34.52 -8.57 -9.88
C LEU C 26 35.76 -8.59 -10.76
N ALA C 27 36.46 -7.47 -10.85
CA ALA C 27 37.73 -7.44 -11.56
C ALA C 27 38.76 -8.32 -10.87
N ALA C 28 38.77 -8.33 -9.53
CA ALA C 28 39.68 -9.21 -8.82
C ALA C 28 39.28 -10.67 -8.99
N ALA C 29 37.98 -10.94 -9.16
CA ALA C 29 37.50 -12.29 -9.37
C ALA C 29 37.71 -12.76 -10.81
N LYS C 30 38.00 -11.85 -11.74
CA LYS C 30 38.37 -12.21 -13.09
C LYS C 30 37.23 -12.91 -13.83
N ALA C 31 36.13 -12.18 -13.99
CA ALA C 31 34.97 -12.61 -14.74
C ALA C 31 34.81 -11.77 -16.00
N PRO C 32 34.25 -12.34 -17.10
CA PRO C 32 34.19 -11.62 -18.38
C PRO C 32 32.93 -10.78 -18.53
N VAL C 33 32.66 -9.92 -17.54
CA VAL C 33 31.54 -8.99 -17.58
C VAL C 33 31.99 -7.66 -17.01
N SER C 34 31.16 -6.64 -17.23
CA SER C 34 31.40 -5.31 -16.69
C SER C 34 30.07 -4.66 -16.39
N LEU C 35 30.06 -3.83 -15.37
CA LEU C 35 28.86 -3.17 -14.88
C LEU C 35 28.77 -1.78 -15.47
N VAL C 36 27.54 -1.36 -15.77
CA VAL C 36 27.27 -0.11 -16.47
C VAL C 36 26.32 0.70 -15.62
N GLN C 37 26.79 1.84 -15.13
CA GLN C 37 25.95 2.74 -14.35
C GLN C 37 24.81 3.25 -15.21
N THR C 38 23.58 3.09 -14.72
CA THR C 38 22.38 3.54 -15.41
C THR C 38 21.42 4.12 -14.37
N ASP C 39 20.19 4.36 -14.80
CA ASP C 39 19.13 4.84 -13.93
C ASP C 39 17.88 4.01 -14.20
N ALA C 40 17.00 3.96 -13.20
CA ALA C 40 15.84 3.08 -13.28
C ALA C 40 14.92 3.45 -14.43
N LYS C 41 14.89 4.72 -14.83
CA LYS C 41 13.99 5.19 -15.87
C LYS C 41 14.58 5.12 -17.26
N PHE C 42 15.89 4.86 -17.40
CA PHE C 42 16.57 4.85 -18.69
C PHE C 42 17.32 3.56 -18.92
N ALA C 43 16.93 2.47 -18.26
CA ALA C 43 17.60 1.21 -18.47
C ALA C 43 17.31 0.68 -19.87
N PRO C 44 18.20 -0.15 -20.42
CA PRO C 44 17.98 -0.65 -21.78
C PRO C 44 17.13 -1.90 -21.81
N ALA C 45 16.06 -1.89 -22.59
CA ALA C 45 15.25 -3.08 -22.74
C ALA C 45 16.04 -4.14 -23.51
N ASP C 46 15.43 -5.33 -23.61
CA ASP C 46 16.09 -6.49 -24.20
C ASP C 46 17.40 -6.81 -23.49
N ALA C 47 17.39 -6.70 -22.16
CA ALA C 47 18.49 -7.12 -21.31
C ALA C 47 17.89 -7.95 -20.19
N LYS C 48 18.08 -9.27 -20.26
CA LYS C 48 17.29 -10.18 -19.45
C LYS C 48 17.83 -10.29 -18.03
N TYR C 49 19.13 -10.52 -17.88
CA TYR C 49 19.76 -10.71 -16.58
C TYR C 49 20.42 -9.41 -16.16
N LEU C 50 19.98 -8.84 -15.05
CA LEU C 50 20.52 -7.59 -14.54
C LEU C 50 20.83 -7.66 -13.05
N LEU C 51 21.59 -6.66 -12.61
CA LEU C 51 21.93 -6.46 -11.22
C LEU C 51 21.48 -5.06 -10.84
N ALA C 52 21.18 -4.85 -9.57
CA ALA C 52 20.59 -3.60 -9.15
C ALA C 52 20.89 -3.35 -7.68
N GLU C 53 20.30 -2.29 -7.14
CA GLU C 53 20.53 -1.76 -5.81
C GLU C 53 19.18 -1.68 -5.11
N PRO C 54 19.08 -1.23 -3.86
CA PRO C 54 17.75 -1.11 -3.25
C PRO C 54 16.81 -0.22 -4.04
N LEU C 55 15.79 -0.83 -4.62
CA LEU C 55 14.74 -0.10 -5.31
C LEU C 55 13.72 0.41 -4.30
N SER C 56 13.30 1.65 -4.47
CA SER C 56 12.09 2.10 -3.80
C SER C 56 10.88 1.41 -4.41
N ALA C 57 9.71 1.66 -3.81
CA ALA C 57 8.48 1.04 -4.30
C ALA C 57 8.16 1.52 -5.71
N ALA C 58 8.26 2.83 -5.94
CA ALA C 58 7.96 3.36 -7.26
C ALA C 58 8.95 2.84 -8.29
N ALA C 59 10.22 2.70 -7.90
CA ALA C 59 11.22 2.23 -8.84
C ALA C 59 11.01 0.75 -9.17
N THR C 60 10.64 -0.06 -8.17
CA THR C 60 10.26 -1.43 -8.47
C THR C 60 9.09 -1.47 -9.42
N GLY C 61 8.11 -0.59 -9.22
CA GLY C 61 6.95 -0.56 -10.11
C GLY C 61 7.35 -0.25 -11.53
N GLU C 62 8.19 0.77 -11.70
CA GLU C 62 8.63 1.18 -13.03
C GLU C 62 9.43 0.07 -13.71
N LEU C 63 10.40 -0.49 -12.99
CA LEU C 63 11.23 -1.53 -13.57
C LEU C 63 10.42 -2.75 -13.93
N ALA C 64 9.45 -3.12 -13.09
CA ALA C 64 8.60 -4.26 -13.38
C ALA C 64 7.75 -4.00 -14.61
N ASN C 65 7.18 -2.80 -14.72
CA ASN C 65 6.39 -2.49 -15.90
C ASN C 65 7.25 -2.49 -17.16
N LYS C 66 8.52 -2.14 -17.03
CA LYS C 66 9.40 -2.13 -18.19
C LYS C 66 9.71 -3.55 -18.66
N TYR C 67 10.25 -4.36 -17.76
CA TYR C 67 10.77 -5.67 -18.12
C TYR C 67 9.74 -6.78 -17.99
N GLY C 68 8.48 -6.47 -17.73
CA GLY C 68 7.47 -7.50 -17.64
C GLY C 68 7.62 -8.38 -16.42
N LEU C 69 8.08 -7.84 -15.31
CA LEU C 69 8.27 -8.62 -14.10
C LEU C 69 6.94 -8.87 -13.41
N SER C 70 6.91 -9.95 -12.63
CA SER C 70 5.70 -10.40 -11.96
C SER C 70 5.90 -10.64 -10.47
N SER C 71 7.05 -11.14 -10.05
CA SER C 71 7.24 -11.56 -8.67
C SER C 71 8.60 -11.14 -8.15
N LYS C 72 8.70 -11.01 -6.83
CA LYS C 72 9.98 -10.80 -6.18
C LYS C 72 10.22 -11.91 -5.17
N VAL C 73 11.38 -12.52 -5.29
CA VAL C 73 11.83 -13.63 -4.46
C VAL C 73 12.84 -13.06 -3.47
N THR C 74 12.95 -13.68 -2.31
CA THR C 74 14.06 -13.43 -1.41
C THR C 74 14.95 -14.66 -1.31
N SER C 75 16.08 -14.48 -0.64
CA SER C 75 16.97 -15.58 -0.33
C SER C 75 17.79 -15.18 0.89
N GLY C 76 17.48 -15.81 2.02
CA GLY C 76 18.21 -15.65 3.26
C GLY C 76 19.28 -16.70 3.48
N ALA C 77 20.34 -16.65 2.69
CA ALA C 77 21.48 -17.53 2.89
C ALA C 77 22.49 -16.99 3.89
N ALA C 78 22.48 -15.68 4.14
CA ALA C 78 23.44 -15.03 5.03
C ALA C 78 23.15 -15.24 6.50
N SER C 79 22.07 -15.94 6.85
CA SER C 79 21.82 -16.23 8.25
C SER C 79 22.89 -17.15 8.82
N GLN C 80 23.48 -17.99 7.98
CA GLN C 80 24.61 -18.80 8.42
C GLN C 80 25.78 -17.93 8.85
N PHE C 81 25.98 -16.80 8.19
CA PHE C 81 27.07 -15.88 8.50
C PHE C 81 26.72 -14.89 9.59
N TYR C 82 25.44 -14.68 9.84
CA TYR C 82 25.01 -13.79 10.92
C TYR C 82 25.65 -14.23 12.24
N PRO C 83 26.09 -13.30 13.11
CA PRO C 83 26.75 -13.71 14.33
C PRO C 83 25.75 -13.99 15.44
N ASN C 84 26.01 -15.07 16.19
CA ASN C 84 25.04 -15.63 17.13
C ASN C 84 23.72 -15.88 16.40
N SER C 85 23.83 -16.64 15.33
CA SER C 85 22.70 -16.85 14.42
C SER C 85 21.60 -17.62 15.11
N ILE C 86 20.42 -17.02 15.19
CA ILE C 86 19.22 -17.72 15.68
C ILE C 86 18.57 -18.55 14.59
N TYR C 87 18.97 -18.38 13.33
CA TYR C 87 18.38 -19.10 12.20
C TYR C 87 19.48 -19.65 11.30
N PRO C 88 20.16 -20.72 11.72
CA PRO C 88 21.16 -21.32 10.84
C PRO C 88 20.51 -22.14 9.74
N SER C 89 21.05 -22.00 8.53
CA SER C 89 20.63 -22.78 7.37
C SER C 89 19.14 -22.59 7.09
N LEU C 90 18.78 -21.35 6.79
CA LEU C 90 17.40 -20.98 6.55
C LEU C 90 17.03 -21.20 5.09
N ASN C 91 16.92 -22.48 4.73
CA ASN C 91 16.63 -22.88 3.36
C ASN C 91 15.11 -22.81 3.16
N VAL C 92 14.62 -21.58 3.03
CA VAL C 92 13.27 -21.31 2.59
C VAL C 92 13.33 -20.15 1.61
N GLU C 93 12.16 -19.78 1.07
CA GLU C 93 12.11 -18.66 0.14
C GLU C 93 10.76 -17.97 0.25
N VAL C 94 10.80 -16.65 0.31
CA VAL C 94 9.61 -15.82 0.30
C VAL C 94 9.40 -15.27 -1.10
N VAL C 95 8.13 -15.24 -1.51
CA VAL C 95 7.71 -14.73 -2.80
C VAL C 95 6.60 -13.73 -2.56
N GLN C 96 6.73 -12.56 -3.18
CA GLN C 96 5.75 -11.50 -3.08
C GLN C 96 5.35 -11.07 -4.47
N ASN C 97 4.04 -10.95 -4.70
CA ASN C 97 3.57 -10.41 -5.96
C ASN C 97 3.88 -8.92 -6.04
N LEU C 98 3.62 -8.32 -7.21
CA LEU C 98 4.06 -6.96 -7.48
C LEU C 98 3.04 -6.12 -8.24
N TYR C 99 1.82 -6.62 -8.44
CA TYR C 99 0.88 -5.88 -9.28
C TYR C 99 0.44 -4.56 -8.65
N ALA C 100 0.60 -4.39 -7.33
CA ALA C 100 0.28 -3.11 -6.74
C ALA C 100 1.30 -2.05 -7.16
N LEU C 101 2.58 -2.39 -7.10
CA LEU C 101 3.60 -1.45 -7.53
C LEU C 101 3.59 -1.25 -9.03
N SER C 102 3.24 -2.29 -9.78
CA SER C 102 3.13 -2.16 -11.23
C SER C 102 1.85 -1.46 -11.65
N ASN C 103 0.86 -1.33 -10.76
CA ASN C 103 -0.39 -0.67 -11.08
C ASN C 103 -1.15 -0.34 -9.79
N PRO C 104 -0.76 0.70 -9.06
CA PRO C 104 -1.40 0.96 -7.76
C PRO C 104 -2.86 1.31 -7.84
N ALA C 105 -3.37 1.73 -9.00
CA ALA C 105 -4.75 2.17 -9.15
C ALA C 105 -5.69 1.04 -9.52
N PHE C 106 -5.38 -0.19 -9.13
CA PHE C 106 -6.23 -1.33 -9.46
C PHE C 106 -7.44 -1.44 -8.54
N SER C 107 -7.37 -0.89 -7.33
CA SER C 107 -8.49 -0.97 -6.41
C SER C 107 -9.69 -0.18 -6.91
N SER C 108 -9.48 1.06 -7.33
CA SER C 108 -10.54 1.92 -7.83
C SER C 108 -11.65 2.12 -6.78
N VAL C 117 -29.96 5.68 -14.66
CA VAL C 117 -31.22 5.17 -15.16
C VAL C 117 -32.37 6.06 -14.67
N THR C 118 -32.24 7.36 -14.93
CA THR C 118 -33.27 8.34 -14.57
C THR C 118 -34.57 7.93 -15.26
N VAL C 119 -34.57 7.71 -16.58
CA VAL C 119 -35.72 7.15 -17.27
C VAL C 119 -35.26 6.37 -18.49
N LYS C 120 -36.18 5.61 -19.07
CA LYS C 120 -35.88 4.78 -20.23
C LYS C 120 -36.00 5.63 -21.49
N ASP C 121 -35.00 6.48 -21.72
CA ASP C 121 -34.83 7.20 -22.98
C ASP C 121 -33.74 6.51 -23.78
N GLU C 122 -33.95 6.41 -25.10
CA GLU C 122 -33.03 5.68 -25.95
C GLU C 122 -31.62 6.27 -25.87
N SER C 123 -31.52 7.60 -25.82
CA SER C 123 -30.22 8.27 -25.81
C SER C 123 -29.41 7.87 -24.58
N ALA C 124 -29.98 8.06 -23.38
CA ALA C 124 -29.22 7.85 -22.16
C ALA C 124 -28.86 6.39 -21.98
N ILE C 125 -29.79 5.47 -22.28
CA ILE C 125 -29.46 4.06 -22.13
C ILE C 125 -28.40 3.64 -23.15
N LYS C 126 -28.45 4.20 -24.36
CA LYS C 126 -27.40 3.94 -25.32
C LYS C 126 -26.05 4.42 -24.80
N LEU C 127 -26.02 5.63 -24.26
CA LEU C 127 -24.77 6.19 -23.77
C LEU C 127 -24.22 5.37 -22.61
N ALA C 128 -25.07 5.03 -21.65
CA ALA C 128 -24.62 4.22 -20.53
C ALA C 128 -24.15 2.85 -20.99
N GLU C 129 -24.81 2.28 -21.99
CA GLU C 129 -24.36 1.00 -22.51
C GLU C 129 -22.96 1.10 -23.11
N LEU C 130 -22.69 2.16 -23.87
CA LEU C 130 -21.37 2.30 -24.46
C LEU C 130 -20.31 2.54 -23.40
N GLN C 131 -20.61 3.40 -22.42
CA GLN C 131 -19.66 3.67 -21.35
C GLN C 131 -19.35 2.41 -20.55
N LYS C 132 -20.39 1.64 -20.22
CA LYS C 132 -20.17 0.43 -19.43
C LYS C 132 -19.45 -0.63 -20.25
N GLU C 133 -19.67 -0.66 -21.56
CA GLU C 133 -18.89 -1.59 -22.40
C GLU C 133 -17.41 -1.22 -22.37
N THR C 134 -17.11 0.07 -22.49
CA THR C 134 -15.73 0.51 -22.42
C THR C 134 -15.09 0.13 -21.09
N GLU C 135 -15.78 0.46 -20.00
CA GLU C 135 -15.27 0.12 -18.67
C GLU C 135 -15.17 -1.39 -18.48
N ARG C 136 -16.07 -2.14 -19.09
CA ARG C 136 -16.01 -3.60 -19.01
C ARG C 136 -14.74 -4.11 -19.65
N ASN C 137 -14.44 -3.64 -20.86
CA ASN C 137 -13.21 -4.04 -21.54
C ASN C 137 -11.99 -3.72 -20.69
N ILE C 138 -11.92 -2.49 -20.19
CA ILE C 138 -10.76 -2.05 -19.40
C ILE C 138 -10.60 -2.92 -18.15
N SER C 139 -11.66 -3.02 -17.36
CA SER C 139 -11.57 -3.75 -16.09
C SER C 139 -11.32 -5.23 -16.32
N SER C 140 -11.87 -5.81 -17.39
CA SER C 140 -11.62 -7.20 -17.68
C SER C 140 -10.16 -7.42 -18.02
N PHE C 141 -9.57 -6.51 -18.79
CA PHE C 141 -8.15 -6.63 -19.11
C PHE C 141 -7.31 -6.56 -17.85
N PHE C 142 -7.61 -5.59 -16.98
CA PHE C 142 -6.81 -5.44 -15.76
C PHE C 142 -6.95 -6.64 -14.84
N ARG C 143 -8.17 -7.17 -14.71
CA ARG C 143 -8.36 -8.34 -13.87
C ARG C 143 -7.63 -9.55 -14.44
N ASP C 144 -7.67 -9.73 -15.76
CA ASP C 144 -6.93 -10.83 -16.37
C ASP C 144 -5.44 -10.68 -16.13
N GLU C 145 -4.94 -9.44 -16.18
CA GLU C 145 -3.52 -9.22 -15.95
C GLU C 145 -3.14 -9.56 -14.51
N ALA C 146 -3.98 -9.13 -13.55
CA ALA C 146 -3.71 -9.45 -12.15
C ALA C 146 -3.72 -10.95 -11.92
N ASN C 147 -4.72 -11.64 -12.45
CA ASN C 147 -4.77 -13.08 -12.30
C ASN C 147 -3.58 -13.76 -12.95
N LYS C 148 -3.08 -13.23 -14.07
CA LYS C 148 -1.93 -13.84 -14.70
C LYS C 148 -0.66 -13.62 -13.88
N SER C 149 -0.51 -12.45 -13.28
CA SER C 149 0.64 -12.22 -12.42
C SER C 149 0.60 -13.12 -11.20
N VAL C 150 -0.58 -13.29 -10.61
CA VAL C 150 -0.72 -14.16 -9.46
C VAL C 150 -0.43 -15.60 -9.85
N GLN C 151 -0.90 -16.02 -11.03
CA GLN C 151 -0.59 -17.36 -11.51
C GLN C 151 0.91 -17.54 -11.70
N ALA C 152 1.60 -16.50 -12.18
CA ALA C 152 3.04 -16.58 -12.34
C ALA C 152 3.71 -16.75 -10.99
N THR C 153 3.28 -16.00 -9.98
CA THR C 153 3.86 -16.14 -8.65
C THR C 153 3.68 -17.55 -8.11
N LEU C 154 2.46 -18.06 -8.21
CA LEU C 154 2.18 -19.38 -7.63
C LEU C 154 2.89 -20.48 -8.39
N ARG C 155 2.95 -20.37 -9.71
CA ARG C 155 3.66 -21.34 -10.52
C ARG C 155 5.15 -21.31 -10.20
N LEU C 156 5.69 -20.12 -9.98
CA LEU C 156 7.09 -19.99 -9.58
C LEU C 156 7.34 -20.66 -8.24
N ALA C 157 6.45 -20.42 -7.28
CA ALA C 157 6.62 -21.02 -5.96
C ALA C 157 6.53 -22.53 -6.02
N CYS C 158 5.61 -23.05 -6.83
CA CYS C 158 5.47 -24.50 -6.97
C CYS C 158 6.71 -25.11 -7.62
N ASP C 159 7.18 -24.50 -8.70
CA ASP C 159 8.39 -24.98 -9.35
C ASP C 159 9.59 -24.91 -8.42
N LYS C 160 9.64 -23.90 -7.55
CA LYS C 160 10.75 -23.77 -6.63
C LYS C 160 10.71 -24.86 -5.56
N ALA C 161 9.52 -25.07 -4.98
CA ALA C 161 9.36 -26.13 -3.99
C ALA C 161 9.67 -27.50 -4.59
N ILE C 162 9.37 -27.69 -5.88
CA ILE C 162 9.65 -28.97 -6.52
C ILE C 162 11.14 -29.12 -6.80
N LYS C 163 11.78 -28.06 -7.30
CA LYS C 163 13.20 -28.13 -7.59
C LYS C 163 14.02 -28.31 -6.32
N THR C 164 13.53 -27.82 -5.19
CA THR C 164 14.23 -28.04 -3.94
C THR C 164 14.26 -29.52 -3.60
N LYS C 165 15.22 -29.90 -2.77
CA LYS C 165 15.36 -31.30 -2.35
C LYS C 165 14.17 -31.64 -1.47
N ALA C 166 13.20 -32.32 -2.04
CA ALA C 166 11.96 -32.59 -1.33
C ALA C 166 12.21 -33.59 -0.21
N ASP C 167 11.92 -33.18 1.02
CA ASP C 167 12.00 -34.05 2.19
C ASP C 167 10.68 -34.73 2.49
N LYS C 168 9.87 -35.01 1.46
CA LYS C 168 8.56 -35.62 1.55
C LYS C 168 7.51 -34.69 2.17
N LYS C 169 7.84 -33.43 2.42
CA LYS C 169 6.87 -32.45 2.92
C LYS C 169 6.67 -31.30 1.93
N THR C 170 7.73 -30.59 1.55
CA THR C 170 7.71 -29.54 0.51
C THR C 170 6.53 -28.58 0.71
N VAL C 171 6.63 -27.79 1.76
CA VAL C 171 5.50 -27.01 2.24
C VAL C 171 5.52 -25.60 1.69
N MET C 172 4.33 -25.12 1.35
CA MET C 172 4.09 -23.80 0.79
C MET C 172 3.02 -23.14 1.64
N VAL C 173 3.39 -22.11 2.35
CA VAL C 173 2.46 -21.27 3.09
C VAL C 173 2.04 -20.13 2.18
N VAL C 174 0.78 -19.72 2.30
CA VAL C 174 0.19 -18.74 1.41
C VAL C 174 -0.61 -17.77 2.26
N THR C 175 -0.13 -16.55 2.41
CA THR C 175 -0.85 -15.60 3.25
C THR C 175 -2.12 -15.15 2.55
N LYS C 176 -3.19 -14.99 3.34
CA LYS C 176 -4.52 -14.85 2.77
C LYS C 176 -5.50 -14.16 3.71
N PRO C 177 -5.26 -12.91 4.10
CA PRO C 177 -6.23 -12.19 4.92
C PRO C 177 -7.52 -11.95 4.15
N HIS C 178 -8.61 -12.58 4.60
CA HIS C 178 -9.87 -12.47 3.87
C HIS C 178 -10.37 -11.04 3.86
N GLY C 179 -11.03 -10.66 2.76
CA GLY C 179 -11.28 -9.26 2.49
C GLY C 179 -10.95 -8.83 1.07
N ASP C 180 -9.90 -8.03 0.94
CA ASP C 180 -9.65 -7.21 -0.24
C ASP C 180 -9.53 -8.04 -1.51
N ALA C 181 -9.52 -7.32 -2.64
CA ALA C 181 -9.59 -7.93 -3.95
C ALA C 181 -8.37 -8.78 -4.25
N PHE C 182 -7.18 -8.30 -3.86
CA PHE C 182 -5.97 -9.08 -4.09
C PHE C 182 -6.05 -10.42 -3.38
N ASP C 183 -6.55 -10.41 -2.14
CA ASP C 183 -6.67 -11.65 -1.39
C ASP C 183 -7.72 -12.56 -2.01
N ASP C 184 -8.80 -11.98 -2.54
CA ASP C 184 -9.82 -12.80 -3.19
C ASP C 184 -9.25 -13.47 -4.44
N LEU C 185 -8.55 -12.69 -5.28
CA LEU C 185 -7.88 -13.24 -6.45
C LEU C 185 -6.93 -14.35 -6.05
N LEU C 186 -6.17 -14.13 -4.98
CA LEU C 186 -5.15 -15.09 -4.58
C LEU C 186 -5.78 -16.39 -4.11
N ALA C 187 -6.86 -16.30 -3.33
CA ALA C 187 -7.59 -17.49 -2.92
C ALA C 187 -8.13 -18.25 -4.13
N GLN C 188 -8.72 -17.51 -5.07
CA GLN C 188 -9.27 -18.14 -6.26
C GLN C 188 -8.19 -18.86 -7.06
N VAL C 189 -7.01 -18.25 -7.16
CA VAL C 189 -5.95 -18.85 -7.96
C VAL C 189 -5.38 -20.07 -7.26
N THR C 190 -5.29 -20.03 -5.94
CA THR C 190 -4.85 -21.21 -5.20
C THR C 190 -5.81 -22.36 -5.42
N LYS C 191 -7.11 -22.10 -5.29
CA LYS C 191 -8.11 -23.12 -5.58
C LYS C 191 -7.93 -23.67 -6.98
N SER C 192 -7.75 -22.78 -7.96
CA SER C 192 -7.63 -23.20 -9.35
C SER C 192 -6.45 -24.13 -9.54
N GLU C 193 -5.27 -23.71 -9.10
CA GLU C 193 -4.07 -24.52 -9.31
C GLU C 193 -4.14 -25.84 -8.59
N SER C 194 -4.51 -25.81 -7.30
CA SER C 194 -4.56 -27.03 -6.51
C SER C 194 -5.55 -28.02 -7.10
N ASP C 195 -6.77 -27.57 -7.37
CA ASP C 195 -7.78 -28.45 -7.94
C ASP C 195 -7.49 -28.80 -9.40
N GLY C 196 -6.59 -28.09 -10.06
CA GLY C 196 -6.34 -28.34 -11.46
C GLY C 196 -5.21 -29.32 -11.72
N ARG C 197 -4.02 -29.06 -11.18
CA ARG C 197 -2.86 -29.87 -11.53
C ARG C 197 -2.86 -31.18 -10.74
N ALA C 198 -2.61 -31.08 -9.44
CA ALA C 198 -2.70 -32.19 -8.50
C ALA C 198 -1.69 -33.32 -8.72
N ASP C 199 -0.95 -33.31 -9.82
CA ASP C 199 -0.18 -34.48 -10.23
C ASP C 199 1.27 -34.39 -9.78
N GLU C 200 2.00 -33.37 -10.24
CA GLU C 200 3.27 -33.04 -9.63
C GLU C 200 3.09 -32.74 -8.15
N LEU C 201 1.95 -32.12 -7.82
CA LEU C 201 1.57 -31.85 -6.45
C LEU C 201 1.58 -33.11 -5.60
N ARG C 202 0.74 -34.08 -5.95
CA ARG C 202 0.66 -35.31 -5.18
C ARG C 202 1.89 -36.20 -5.33
N ASN C 203 2.71 -35.97 -6.36
CA ASN C 203 3.91 -36.76 -6.53
C ASN C 203 5.02 -36.29 -5.61
N SER C 204 5.38 -35.01 -5.69
CA SER C 204 6.38 -34.45 -4.80
C SER C 204 5.84 -34.12 -3.42
N SER C 205 4.57 -34.41 -3.15
CA SER C 205 3.98 -34.20 -1.83
C SER C 205 3.98 -32.73 -1.44
N VAL C 206 3.89 -31.84 -2.44
CA VAL C 206 3.90 -30.41 -2.19
C VAL C 206 2.65 -30.06 -1.40
N SER C 207 2.83 -29.62 -0.15
CA SER C 207 1.72 -29.29 0.73
C SER C 207 1.44 -27.80 0.62
N VAL C 208 0.43 -27.47 -0.18
CA VAL C 208 -0.02 -26.09 -0.30
C VAL C 208 -0.93 -25.77 0.88
N GLU C 209 -0.87 -24.54 1.38
CA GLU C 209 -1.61 -24.18 2.57
C GLU C 209 -1.97 -22.70 2.59
N PRO C 210 -3.23 -22.32 2.36
CA PRO C 210 -3.64 -20.94 2.64
C PRO C 210 -3.84 -20.75 4.13
N THR C 211 -3.20 -19.71 4.68
CA THR C 211 -3.28 -19.41 6.09
C THR C 211 -3.37 -17.91 6.27
N LEU C 212 -3.64 -17.52 7.50
CA LEU C 212 -3.81 -16.12 7.85
C LEU C 212 -2.49 -15.59 8.41
N VAL C 213 -2.41 -14.26 8.53
CA VAL C 213 -1.15 -13.64 8.91
C VAL C 213 -0.82 -13.99 10.36
N GLY C 214 -1.79 -13.82 11.25
CA GLY C 214 -1.56 -14.08 12.66
C GLY C 214 -1.21 -15.53 12.95
N ASN C 215 -1.66 -16.44 12.10
CA ASN C 215 -1.37 -17.86 12.23
C ASN C 215 -0.25 -18.33 11.33
N ALA C 216 0.37 -17.43 10.56
CA ALA C 216 1.44 -17.76 9.64
C ALA C 216 2.79 -17.17 10.05
N TRP C 217 2.83 -15.89 10.36
CA TRP C 217 4.12 -15.26 10.65
C TRP C 217 4.74 -15.79 11.95
N PRO C 218 3.99 -16.23 12.97
CA PRO C 218 4.65 -16.96 14.04
C PRO C 218 5.23 -18.29 13.62
N LYS C 219 4.59 -19.02 12.70
CA LYS C 219 5.19 -20.25 12.19
C LYS C 219 6.52 -19.94 11.51
N LEU C 220 6.49 -18.95 10.63
CA LEU C 220 7.70 -18.52 9.93
C LEU C 220 8.80 -18.11 10.91
N VAL C 221 8.42 -17.50 12.03
CA VAL C 221 9.41 -17.03 12.99
C VAL C 221 9.97 -18.19 13.80
N MET C 222 9.11 -18.87 14.56
CA MET C 222 9.55 -19.96 15.42
C MET C 222 10.19 -21.08 14.62
N PHE C 223 9.39 -21.76 13.77
CA PHE C 223 9.87 -22.92 13.02
C PHE C 223 9.67 -22.68 11.54
N PRO C 224 10.64 -22.07 10.86
CA PRO C 224 10.67 -22.12 9.40
C PRO C 224 11.19 -23.44 8.85
N GLU C 225 11.49 -24.42 9.69
CA GLU C 225 11.83 -25.75 9.21
C GLU C 225 10.60 -26.46 8.63
N GLY C 226 9.45 -26.26 9.26
CA GLY C 226 8.19 -26.78 8.76
C GLY C 226 7.66 -26.10 7.52
N VAL C 227 8.38 -25.12 6.97
CA VAL C 227 7.99 -24.44 5.74
C VAL C 227 9.19 -24.34 4.82
N ASN C 228 8.93 -24.38 3.52
CA ASN C 228 9.93 -24.20 2.49
C ASN C 228 9.67 -22.96 1.63
N VAL C 229 8.43 -22.72 1.27
CA VAL C 229 8.10 -21.53 0.49
C VAL C 229 6.99 -20.76 1.15
N VAL C 230 7.02 -19.45 0.97
CA VAL C 230 5.99 -18.53 1.42
C VAL C 230 5.54 -17.71 0.23
N VAL C 231 4.25 -17.41 0.19
CA VAL C 231 3.68 -16.59 -0.88
C VAL C 231 2.81 -15.51 -0.27
N CYS C 232 2.93 -14.30 -0.83
CA CYS C 232 2.16 -13.17 -0.36
C CYS C 232 1.77 -12.25 -1.51
N GLY C 233 0.56 -11.70 -1.41
CA GLY C 233 0.11 -10.69 -2.32
C GLY C 233 0.67 -9.34 -1.97
N PRO C 234 0.39 -8.36 -2.81
CA PRO C 234 0.98 -7.03 -2.61
C PRO C 234 0.18 -6.13 -1.71
N ASN C 235 -0.29 -6.67 -0.58
CA ASN C 235 -0.95 -5.88 0.45
C ASN C 235 0.05 -5.47 1.51
N ALA C 236 -0.42 -4.71 2.50
CA ALA C 236 0.40 -4.39 3.65
C ALA C 236 0.84 -5.65 4.37
N SER C 237 -0.02 -6.67 4.40
CA SER C 237 0.33 -7.94 5.01
C SER C 237 1.52 -8.58 4.31
N GLY C 238 1.47 -8.62 2.98
CA GLY C 238 2.56 -9.22 2.24
C GLY C 238 3.85 -8.43 2.35
N ASP C 239 3.76 -7.11 2.29
CA ASP C 239 4.94 -6.28 2.51
C ASP C 239 5.52 -6.54 3.90
N GLN C 240 4.66 -6.73 4.89
CA GLN C 240 5.12 -6.95 6.24
C GLN C 240 5.83 -8.29 6.37
N VAL C 241 5.28 -9.33 5.75
CA VAL C 241 5.91 -10.64 5.85
C VAL C 241 7.23 -10.65 5.08
N ALA C 242 7.28 -9.98 3.93
CA ALA C 242 8.53 -9.90 3.19
C ALA C 242 9.58 -9.16 4.00
N GLN C 243 9.19 -8.08 4.67
CA GLN C 243 10.15 -7.36 5.51
C GLN C 243 10.57 -8.21 6.69
N LEU C 244 9.64 -9.02 7.21
CA LEU C 244 9.97 -9.95 8.29
C LEU C 244 11.08 -10.88 7.88
N PHE C 245 10.92 -11.55 6.74
CA PHE C 245 11.98 -12.45 6.29
C PHE C 245 13.27 -11.69 5.97
N VAL C 246 13.13 -10.53 5.34
CA VAL C 246 14.28 -9.72 4.96
C VAL C 246 15.10 -9.34 6.17
N GLY C 247 14.44 -9.19 7.31
CA GLY C 247 15.15 -8.87 8.53
C GLY C 247 15.66 -10.11 9.23
N ILE C 248 14.82 -11.15 9.28
CA ILE C 248 15.15 -12.36 10.03
C ILE C 248 16.33 -13.07 9.41
N ALA C 249 16.53 -12.93 8.10
CA ALA C 249 17.69 -13.54 7.47
C ALA C 249 19.00 -12.88 7.85
N GLY C 250 18.97 -11.79 8.64
CA GLY C 250 20.16 -11.10 9.08
C GLY C 250 20.08 -9.59 8.99
N GLY C 251 18.90 -9.06 8.70
CA GLY C 251 18.72 -7.64 8.56
C GLY C 251 18.85 -7.18 7.12
N THR C 252 18.34 -5.98 6.86
CA THR C 252 18.47 -5.40 5.53
C THR C 252 19.93 -5.21 5.18
N GLY C 253 20.37 -5.94 4.14
CA GLY C 253 21.76 -5.98 3.72
C GLY C 253 22.30 -7.38 3.60
N MET C 254 21.78 -8.31 4.40
CA MET C 254 22.27 -9.68 4.42
C MET C 254 21.48 -10.60 3.49
N VAL C 255 20.23 -10.29 3.23
CA VAL C 255 19.40 -11.11 2.36
C VAL C 255 19.60 -10.68 0.92
N ALA C 256 19.48 -11.63 -0.01
CA ALA C 256 19.59 -11.34 -1.44
C ALA C 256 18.21 -11.41 -2.06
N GLN C 257 17.71 -10.28 -2.53
CA GLN C 257 16.44 -10.26 -3.22
C GLN C 257 16.64 -10.47 -4.71
N GLN C 258 15.53 -10.76 -5.37
CA GLN C 258 15.52 -11.15 -6.76
C GLN C 258 14.17 -10.74 -7.31
N LEU C 259 14.12 -10.48 -8.60
CA LEU C 259 12.89 -10.04 -9.26
C LEU C 259 12.81 -10.76 -10.57
N VAL C 260 11.71 -11.50 -10.77
CA VAL C 260 11.55 -12.38 -11.91
C VAL C 260 10.14 -12.23 -12.47
N GLY C 261 9.94 -12.91 -13.60
CA GLY C 261 8.84 -12.69 -14.51
C GLY C 261 9.34 -12.96 -15.91
N ASP C 262 9.25 -11.99 -16.80
CA ASP C 262 9.81 -12.12 -18.13
C ASP C 262 11.30 -11.79 -18.18
N ALA C 263 11.95 -11.57 -17.04
CA ALA C 263 13.37 -11.25 -16.99
C ALA C 263 13.79 -11.21 -15.53
N VAL C 264 15.08 -11.36 -15.30
CA VAL C 264 15.65 -11.53 -13.97
C VAL C 264 16.48 -10.31 -13.65
N VAL C 265 16.23 -9.69 -12.50
CA VAL C 265 17.15 -8.68 -11.97
C VAL C 265 17.36 -8.94 -10.49
N PHE C 266 18.61 -9.04 -10.08
CA PHE C 266 18.94 -9.29 -8.68
C PHE C 266 19.10 -7.97 -7.93
N THR C 267 18.81 -8.00 -6.63
CA THR C 267 18.81 -6.80 -5.81
C THR C 267 19.25 -7.14 -4.40
N SER C 268 19.56 -6.08 -3.65
CA SER C 268 19.92 -6.17 -2.25
C SER C 268 19.11 -5.12 -1.51
N ALA C 269 18.40 -5.53 -0.48
CA ALA C 269 17.58 -4.61 0.28
C ALA C 269 18.44 -3.86 1.29
N ASN C 270 18.15 -2.58 1.46
CA ASN C 270 18.91 -1.75 2.37
C ASN C 270 18.09 -0.51 2.67
N ALA C 271 18.04 -0.14 3.95
CA ALA C 271 17.35 1.06 4.38
C ALA C 271 18.27 2.26 4.15
N GLU C 272 17.88 3.41 4.71
CA GLU C 272 18.64 4.63 4.45
C GLU C 272 20.00 4.58 5.13
N ASP C 273 20.06 4.11 6.36
CA ASP C 273 21.27 4.16 7.16
C ASP C 273 22.17 2.95 7.01
N ASN C 274 21.72 1.90 6.32
CA ASN C 274 22.48 0.66 6.25
C ASN C 274 23.48 0.69 5.11
N GLU C 275 24.54 -0.11 5.27
CA GLU C 275 25.63 -0.16 4.30
C GLU C 275 26.14 -1.57 4.03
N ASN C 276 25.58 -2.60 4.65
CA ASN C 276 26.07 -3.94 4.45
C ASN C 276 25.82 -4.39 3.01
N PRO C 277 26.84 -4.75 2.23
CA PRO C 277 26.61 -5.14 0.83
C PRO C 277 26.48 -6.64 0.58
N THR C 278 26.48 -7.47 1.62
CA THR C 278 26.54 -8.92 1.42
C THR C 278 25.35 -9.42 0.62
N GLY C 279 24.19 -8.77 0.77
CA GLY C 279 23.07 -9.10 -0.08
C GLY C 279 23.39 -8.88 -1.55
N ALA C 280 24.05 -7.77 -1.86
CA ALA C 280 24.39 -7.48 -3.25
C ALA C 280 25.48 -8.41 -3.76
N LEU C 281 26.40 -8.83 -2.88
CA LEU C 281 27.41 -9.80 -3.31
C LEU C 281 26.78 -11.14 -3.62
N LEU C 282 25.83 -11.58 -2.80
CA LEU C 282 25.11 -12.82 -3.11
C LEU C 282 24.28 -12.66 -4.38
N ALA C 283 23.75 -11.46 -4.62
CA ALA C 283 23.06 -11.21 -5.88
C ALA C 283 23.99 -11.39 -7.05
N ALA C 284 25.19 -10.81 -6.96
CA ALA C 284 26.18 -10.97 -8.01
C ALA C 284 26.53 -12.45 -8.22
N SER C 285 26.66 -13.19 -7.12
CA SER C 285 26.98 -14.62 -7.25
C SER C 285 25.87 -15.37 -7.97
N ASN C 286 24.62 -15.10 -7.59
CA ASN C 286 23.49 -15.76 -8.24
C ASN C 286 23.45 -15.41 -9.73
N LEU C 287 23.73 -14.15 -10.06
CA LEU C 287 23.77 -13.72 -11.45
C LEU C 287 24.83 -14.49 -12.23
N LEU C 288 26.04 -14.55 -11.67
CA LEU C 288 27.12 -15.26 -12.35
C LEU C 288 26.82 -16.74 -12.49
N THR C 289 26.11 -17.33 -11.52
CA THR C 289 25.72 -18.72 -11.67
C THR C 289 24.70 -18.88 -12.79
N ALA C 290 23.81 -17.90 -12.94
CA ALA C 290 22.83 -17.96 -14.02
C ALA C 290 23.53 -17.88 -15.37
N LEU C 291 24.54 -17.02 -15.49
CA LEU C 291 25.21 -16.86 -16.77
C LEU C 291 26.12 -18.05 -17.08
N GLY C 292 26.80 -18.59 -16.07
CA GLY C 292 27.62 -19.76 -16.25
C GLY C 292 28.89 -19.79 -15.41
N HIS C 293 29.24 -18.67 -14.78
CA HIS C 293 30.50 -18.56 -14.05
C HIS C 293 30.33 -19.03 -12.61
N GLU C 294 29.95 -20.31 -12.49
CA GLU C 294 29.69 -20.89 -11.18
C GLU C 294 30.95 -20.97 -10.32
N ALA C 295 32.10 -21.20 -10.93
CA ALA C 295 33.35 -21.22 -10.18
C ALA C 295 33.62 -19.85 -9.57
N GLU C 296 33.37 -18.79 -10.33
CA GLU C 296 33.58 -17.45 -9.81
C GLU C 296 32.56 -17.13 -8.72
N ALA C 297 31.32 -17.61 -8.87
CA ALA C 297 30.33 -17.41 -7.83
C ALA C 297 30.74 -18.11 -6.54
N LYS C 298 31.24 -19.34 -6.64
CA LYS C 298 31.71 -20.05 -5.47
C LYS C 298 32.92 -19.35 -4.86
N LYS C 299 33.78 -18.78 -5.70
CA LYS C 299 34.90 -17.99 -5.19
C LYS C 299 34.41 -16.82 -4.36
N ILE C 300 33.41 -16.11 -4.86
CA ILE C 300 32.87 -14.95 -4.15
C ILE C 300 32.24 -15.38 -2.83
N ALA C 301 31.49 -16.47 -2.86
CA ALA C 301 30.85 -16.95 -1.63
C ALA C 301 31.89 -17.37 -0.61
N ALA C 302 32.96 -18.02 -1.05
CA ALA C 302 34.03 -18.41 -0.15
C ALA C 302 34.75 -17.18 0.40
N ALA C 303 34.88 -16.13 -0.41
CA ALA C 303 35.50 -14.91 0.08
C ALA C 303 34.65 -14.25 1.15
N VAL C 304 33.33 -14.24 0.94
CA VAL C 304 32.41 -13.70 1.95
C VAL C 304 32.53 -14.50 3.24
N ALA C 305 32.53 -15.83 3.12
CA ALA C 305 32.62 -16.68 4.29
C ALA C 305 33.94 -16.46 5.02
N LYS C 306 35.03 -16.29 4.27
CA LYS C 306 36.32 -16.02 4.90
C LYS C 306 36.32 -14.68 5.60
N ALA C 307 35.66 -13.68 5.00
CA ALA C 307 35.57 -12.37 5.64
C ALA C 307 34.82 -12.45 6.95
N TYR C 308 33.77 -13.26 7.00
CA TYR C 308 32.95 -13.36 8.19
C TYR C 308 33.50 -14.33 9.24
N THR C 309 34.37 -15.26 8.84
CA THR C 309 34.85 -16.31 9.73
C THR C 309 36.32 -16.13 10.13
N THR C 310 37.21 -15.94 9.17
CA THR C 310 38.63 -15.81 9.49
C THR C 310 38.94 -14.45 10.08
N ASP C 311 38.73 -13.38 9.31
CA ASP C 311 38.93 -12.04 9.82
C ASP C 311 37.77 -11.59 10.69
N ARG C 312 36.55 -12.06 10.39
CA ARG C 312 35.36 -11.73 11.15
C ARG C 312 35.11 -10.22 11.14
N ILE C 313 35.47 -9.56 10.04
CA ILE C 313 35.32 -8.11 9.92
C ILE C 313 33.87 -7.82 9.55
N LEU C 314 33.05 -7.60 10.56
CA LEU C 314 31.63 -7.33 10.37
C LEU C 314 31.40 -5.84 10.14
N PRO C 315 30.29 -5.46 9.51
CA PRO C 315 30.03 -4.04 9.26
C PRO C 315 29.50 -3.34 10.52
N LYS C 316 29.35 -2.03 10.41
CA LYS C 316 29.04 -1.21 11.57
C LYS C 316 27.64 -1.49 12.09
N GLU C 317 26.66 -1.56 11.19
CA GLU C 317 25.28 -1.77 11.60
C GLU C 317 25.11 -3.07 12.36
N LEU C 318 25.85 -4.10 11.96
CA LEU C 318 25.68 -5.41 12.53
C LEU C 318 26.24 -5.44 13.95
N PRO C 319 25.76 -6.35 14.81
CA PRO C 319 26.35 -6.46 16.15
C PRO C 319 27.79 -6.93 16.14
N GLY C 320 28.38 -7.06 17.31
CA GLY C 320 29.73 -7.58 17.42
C GLY C 320 30.73 -6.62 16.79
N GLY C 321 31.59 -7.16 15.94
CA GLY C 321 32.56 -6.33 15.24
C GLY C 321 31.88 -5.27 14.39
N LYS C 322 32.67 -4.30 13.97
CA LYS C 322 32.15 -3.16 13.22
C LYS C 322 33.24 -2.64 12.30
N ALA C 323 32.84 -2.28 11.08
CA ALA C 323 33.77 -1.82 10.08
C ALA C 323 32.98 -1.16 8.96
N ASP C 324 33.70 -0.49 8.07
CA ASP C 324 33.08 0.30 7.02
C ASP C 324 32.86 -0.54 5.77
N LEU C 325 31.98 -0.02 4.90
CA LEU C 325 31.63 -0.70 3.66
C LEU C 325 32.85 -0.96 2.80
N GLU C 326 33.66 0.07 2.58
CA GLU C 326 34.77 -0.06 1.62
C GLU C 326 35.86 -0.97 2.16
N ALA C 327 36.16 -0.89 3.45
CA ALA C 327 37.14 -1.81 4.02
C ALA C 327 36.62 -3.24 3.98
N PHE C 328 35.32 -3.42 4.21
CA PHE C 328 34.72 -4.74 4.11
C PHE C 328 34.87 -5.31 2.70
N ILE C 329 34.64 -4.47 1.69
CA ILE C 329 34.75 -4.93 0.32
C ILE C 329 36.22 -5.18 -0.05
N ASP C 330 37.14 -4.39 0.50
CA ASP C 330 38.55 -4.66 0.29
C ASP C 330 38.93 -6.04 0.84
N ALA C 331 38.45 -6.34 2.04
CA ALA C 331 38.68 -7.66 2.63
C ALA C 331 38.09 -8.75 1.76
N VAL C 332 36.88 -8.52 1.23
CA VAL C 332 36.22 -9.50 0.38
C VAL C 332 37.04 -9.75 -0.86
N ALA C 333 37.54 -8.68 -1.49
CA ALA C 333 38.30 -8.84 -2.73
C ALA C 333 39.62 -9.55 -2.48
N LYS C 334 40.31 -9.20 -1.40
CA LYS C 334 41.57 -9.87 -1.09
C LYS C 334 41.35 -11.33 -0.75
N HIS C 335 40.23 -11.67 -0.11
CA HIS C 335 39.93 -13.07 0.16
C HIS C 335 39.61 -13.81 -1.15
N ALA C 336 38.92 -13.13 -2.07
CA ALA C 336 38.60 -13.76 -3.35
C ALA C 336 39.87 -14.06 -4.14
N SER C 337 40.73 -13.06 -4.29
CA SER C 337 41.98 -13.22 -5.02
C SER C 337 43.13 -13.52 -4.08
N ASP D 12 2.19 -31.45 35.59
CA ASP D 12 3.51 -30.87 35.74
C ASP D 12 4.43 -31.31 34.61
N ALA D 13 4.94 -32.54 34.72
CA ALA D 13 5.71 -33.11 33.63
C ALA D 13 4.89 -33.18 32.36
N VAL D 14 3.58 -33.39 32.49
CA VAL D 14 2.69 -33.38 31.34
C VAL D 14 2.71 -32.02 30.66
N LYS D 15 2.53 -30.95 31.43
CA LYS D 15 2.46 -29.63 30.83
C LYS D 15 3.81 -29.26 30.22
N PHE D 16 4.91 -29.68 30.85
CA PHE D 16 6.21 -29.32 30.30
C PHE D 16 6.54 -30.13 29.06
N GLN D 17 6.06 -31.37 28.98
CA GLN D 17 6.23 -32.13 27.74
C GLN D 17 5.42 -31.50 26.62
N THR D 18 4.20 -31.07 26.94
CA THR D 18 3.39 -30.36 25.95
C THR D 18 4.10 -29.10 25.48
N LEU D 19 4.71 -28.38 26.42
CA LEU D 19 5.42 -27.15 26.09
C LEU D 19 6.60 -27.43 25.17
N TYR D 20 7.40 -28.44 25.52
CA TYR D 20 8.55 -28.79 24.69
C TYR D 20 8.11 -29.20 23.29
N ASN D 21 7.01 -29.95 23.20
CA ASN D 21 6.49 -30.34 21.89
C ASN D 21 6.10 -29.13 21.07
N VAL D 22 5.41 -28.17 21.71
CA VAL D 22 4.97 -26.98 20.98
C VAL D 22 6.16 -26.17 20.51
N LEU D 23 7.17 -26.01 21.37
CA LEU D 23 8.34 -25.22 20.98
C LEU D 23 9.08 -25.88 19.84
N THR D 24 9.37 -27.18 19.97
CA THR D 24 10.06 -27.89 18.90
C THR D 24 9.22 -28.02 17.64
N GLY D 25 7.92 -27.75 17.71
CA GLY D 25 7.08 -27.79 16.54
C GLY D 25 6.47 -29.13 16.22
N LYS D 26 6.60 -30.10 17.11
CA LYS D 26 6.03 -31.43 16.90
C LYS D 26 4.51 -31.45 17.03
N GLN D 27 3.88 -30.35 17.42
CA GLN D 27 2.46 -30.33 17.68
C GLN D 27 1.91 -28.95 17.40
N HIS D 28 0.75 -28.90 16.77
CA HIS D 28 0.00 -27.67 16.62
C HIS D 28 -0.92 -27.51 17.81
N LEU D 29 -1.18 -26.26 18.18
CA LEU D 29 -2.01 -26.00 19.34
C LEU D 29 -3.46 -26.26 18.97
N LYS D 30 -4.32 -26.40 19.98
CA LYS D 30 -5.61 -27.06 19.76
C LYS D 30 -6.68 -26.12 19.21
N ASP D 31 -6.35 -25.38 18.16
CA ASP D 31 -7.31 -24.61 17.37
C ASP D 31 -6.56 -24.03 16.19
N GLN D 32 -7.22 -23.16 15.43
CA GLN D 32 -6.49 -22.31 14.49
C GLN D 32 -5.76 -21.21 15.25
N VAL D 33 -4.80 -21.60 16.08
CA VAL D 33 -4.16 -20.72 17.05
C VAL D 33 -2.67 -20.63 16.72
N PRO D 34 -2.02 -19.48 16.87
CA PRO D 34 -0.57 -19.42 16.72
C PRO D 34 0.15 -19.63 18.04
N VAL D 35 1.44 -19.94 17.91
CA VAL D 35 2.33 -19.99 19.06
C VAL D 35 2.88 -18.59 19.29
N LYS D 36 2.80 -18.14 20.53
CA LYS D 36 3.29 -16.82 20.91
C LYS D 36 3.60 -16.84 22.39
N ASP D 37 4.33 -15.96 22.68
CA ASP D 37 4.58 -15.77 24.10
C ASP D 37 3.29 -15.43 24.83
N CYS D 38 2.52 -14.49 24.28
CA CYS D 38 1.27 -14.10 24.94
C CYS D 38 0.28 -15.26 24.92
N ASN D 39 0.02 -15.83 23.74
CA ASN D 39 -0.99 -16.87 23.58
C ASN D 39 -0.58 -18.21 24.17
N LEU D 40 0.61 -18.30 24.76
CA LEU D 40 1.07 -19.49 25.46
C LEU D 40 1.21 -19.26 26.95
N THR D 41 1.90 -18.19 27.35
CA THR D 41 2.00 -17.84 28.76
C THR D 41 0.66 -17.50 29.36
N ALA D 42 -0.33 -17.07 28.56
CA ALA D 42 -1.66 -16.85 29.09
C ALA D 42 -2.26 -18.17 29.58
N ILE D 43 -2.07 -19.24 28.82
CA ILE D 43 -2.45 -20.56 29.29
C ILE D 43 -1.64 -20.93 30.53
N PHE D 44 -0.35 -20.66 30.48
CA PHE D 44 0.56 -21.14 31.52
C PHE D 44 0.56 -20.15 32.68
N GLY D 45 1.36 -20.44 33.71
CA GLY D 45 1.35 -19.66 34.93
C GLY D 45 2.35 -18.53 35.00
N ALA D 46 2.81 -18.05 33.85
CA ALA D 46 3.77 -16.93 33.76
C ALA D 46 5.08 -17.22 34.49
N SER D 47 5.43 -18.49 34.66
CA SER D 47 6.74 -18.93 35.09
C SER D 47 7.39 -19.71 33.96
N TRP D 48 7.22 -19.18 32.75
CA TRP D 48 7.41 -19.93 31.51
C TRP D 48 8.84 -20.46 31.35
N LYS D 49 9.80 -19.55 31.17
CA LYS D 49 11.14 -19.96 30.77
C LYS D 49 11.86 -20.67 31.91
N ALA D 50 11.71 -20.14 33.13
CA ALA D 50 12.42 -20.70 34.28
C ALA D 50 11.99 -22.14 34.53
N ASP D 51 10.68 -22.36 34.69
CA ASP D 51 10.20 -23.71 34.95
C ASP D 51 10.45 -24.63 33.77
N LEU D 52 10.38 -24.09 32.55
CA LEU D 52 10.64 -24.92 31.38
C LEU D 52 12.08 -25.44 31.39
N ASN D 53 13.05 -24.54 31.56
CA ASN D 53 14.45 -24.94 31.60
C ASN D 53 14.72 -25.86 32.78
N LYS D 54 14.05 -25.62 33.91
CA LYS D 54 14.25 -26.44 35.09
C LYS D 54 13.78 -27.87 34.84
N TRP D 55 12.56 -28.02 34.31
CA TRP D 55 12.06 -29.35 34.01
C TRP D 55 12.91 -30.02 32.95
N PHE D 56 13.40 -29.26 31.98
CA PHE D 56 14.30 -29.82 30.97
C PHE D 56 15.51 -30.44 31.66
N ASP D 57 16.31 -29.62 32.32
CA ASP D 57 17.54 -30.07 32.96
C ASP D 57 17.30 -31.15 34.00
N SER D 58 16.20 -31.40 34.51
CA SER D 58 15.91 -32.44 35.49
C SER D 58 15.54 -33.76 34.81
N GLU D 59 14.49 -33.75 34.00
CA GLU D 59 13.79 -34.96 33.60
C GLU D 59 13.95 -35.35 32.14
N TYR D 60 14.51 -34.48 31.30
CA TYR D 60 14.62 -34.75 29.86
C TYR D 60 16.06 -34.84 29.38
N ALA D 61 16.99 -34.20 30.07
CA ALA D 61 18.40 -34.28 29.69
C ALA D 61 19.03 -35.63 30.04
N PRO D 62 18.94 -36.12 31.29
CA PRO D 62 19.65 -37.36 31.62
C PRO D 62 19.08 -38.59 30.93
N LYS D 63 17.86 -38.53 30.42
CA LYS D 63 17.22 -39.70 29.85
C LYS D 63 17.91 -40.13 28.56
N LEU D 64 17.97 -39.25 27.60
CA LEU D 64 18.41 -39.56 26.25
C LEU D 64 19.92 -39.34 26.11
N PRO D 65 20.54 -39.89 25.04
CA PRO D 65 22.01 -39.79 24.93
C PRO D 65 22.51 -38.36 24.78
N ALA D 66 23.84 -38.20 24.74
CA ALA D 66 24.44 -36.89 24.83
C ALA D 66 24.38 -36.11 23.53
N ALA D 67 24.43 -36.78 22.38
CA ALA D 67 24.39 -36.08 21.10
C ALA D 67 23.02 -35.42 20.90
N GLU D 68 21.96 -36.21 21.02
CA GLU D 68 20.62 -35.66 20.96
C GLU D 68 20.39 -34.65 22.08
N ARG D 69 21.05 -34.83 23.23
CA ARG D 69 20.93 -33.86 24.31
C ARG D 69 21.48 -32.50 23.89
N ASP D 70 22.68 -32.48 23.31
CA ASP D 70 23.27 -31.23 22.84
C ASP D 70 22.42 -30.59 21.77
N SER D 71 21.96 -31.39 20.80
CA SER D 71 21.14 -30.84 19.71
C SER D 71 19.84 -30.26 20.25
N ALA D 72 19.22 -30.94 21.21
CA ALA D 72 17.96 -30.46 21.78
C ALA D 72 18.16 -29.22 22.62
N LYS D 73 19.27 -29.16 23.37
CA LYS D 73 19.59 -27.98 24.14
C LYS D 73 19.77 -26.77 23.22
N LYS D 74 20.52 -26.95 22.13
CA LYS D 74 20.67 -25.90 21.13
C LYS D 74 19.31 -25.45 20.61
N SER D 75 18.51 -26.40 20.13
CA SER D 75 17.22 -26.08 19.54
C SER D 75 16.33 -25.36 20.54
N LEU D 76 16.38 -25.77 21.81
CA LEU D 76 15.52 -25.16 22.81
C LEU D 76 15.94 -23.72 23.07
N ASP D 77 17.25 -23.47 23.16
CA ASP D 77 17.70 -22.09 23.33
C ASP D 77 17.28 -21.23 22.15
N LEU D 78 17.40 -21.78 20.93
CA LEU D 78 16.99 -21.03 19.75
C LEU D 78 15.51 -20.70 19.80
N TYR D 79 14.67 -21.68 20.14
CA TYR D 79 13.24 -21.45 20.14
C TYR D 79 12.82 -20.50 21.25
N LEU D 80 13.53 -20.52 22.38
CA LEU D 80 13.25 -19.56 23.43
C LEU D 80 13.54 -18.14 22.96
N LYS D 81 14.69 -17.94 22.32
CA LYS D 81 14.99 -16.63 21.76
C LYS D 81 13.96 -16.23 20.72
N ARG D 82 13.50 -17.19 19.92
CA ARG D 82 12.53 -16.89 18.88
C ARG D 82 11.18 -16.47 19.46
N VAL D 83 10.79 -17.05 20.59
CA VAL D 83 9.54 -16.62 21.20
C VAL D 83 9.71 -15.27 21.90
N ASP D 84 10.87 -15.03 22.50
CA ASP D 84 11.18 -13.69 23.00
C ASP D 84 11.09 -12.66 21.89
N LEU D 85 11.41 -13.06 20.66
CA LEU D 85 11.20 -12.21 19.51
C LEU D 85 9.73 -12.12 19.14
N THR D 86 8.99 -13.21 19.32
CA THR D 86 7.56 -13.22 19.01
C THR D 86 6.77 -12.28 19.89
N ARG D 87 7.30 -11.95 21.08
CA ARG D 87 6.61 -11.03 21.99
C ARG D 87 6.14 -9.75 21.30
N TYR D 88 6.93 -9.25 20.35
CA TYR D 88 6.64 -8.00 19.69
C TYR D 88 5.48 -8.15 18.71
N THR D 89 4.94 -7.02 18.29
CA THR D 89 3.85 -6.97 17.34
C THR D 89 4.40 -6.94 15.92
N ARG D 90 3.54 -7.29 14.96
CA ARG D 90 3.94 -7.31 13.56
C ARG D 90 4.28 -5.91 13.06
N GLU D 91 3.38 -4.96 13.32
CA GLU D 91 3.57 -3.60 12.84
C GLU D 91 4.80 -2.96 13.49
N GLU D 92 4.94 -3.14 14.80
CA GLU D 92 6.11 -2.63 15.49
C GLU D 92 7.39 -3.28 14.98
N LEU D 93 7.31 -4.57 14.66
CA LEU D 93 8.48 -5.29 14.13
C LEU D 93 8.92 -4.70 12.81
N THR D 94 8.00 -4.65 11.85
CA THR D 94 8.36 -4.27 10.49
C THR D 94 8.39 -2.75 10.30
N THR D 95 7.24 -2.11 10.45
CA THR D 95 7.06 -0.74 9.96
C THR D 95 7.94 0.23 10.70
N TYR D 96 7.90 0.21 12.03
CA TYR D 96 8.67 1.14 12.84
C TYR D 96 10.12 0.70 13.02
N GLY D 97 10.56 -0.33 12.29
CA GLY D 97 11.97 -0.66 12.22
C GLY D 97 12.58 -1.14 13.51
N ILE D 98 12.04 -2.21 14.07
CA ILE D 98 12.63 -2.85 15.24
C ILE D 98 13.58 -3.96 14.84
N LEU D 99 13.29 -4.66 13.75
CA LEU D 99 14.02 -5.86 13.36
C LEU D 99 14.97 -5.63 12.19
N ALA D 100 14.85 -4.50 11.49
CA ALA D 100 15.59 -4.27 10.25
C ALA D 100 17.09 -4.46 10.41
N CYS D 101 17.62 -4.15 11.58
CA CYS D 101 19.02 -4.43 11.86
C CYS D 101 19.21 -5.92 12.16
N GLY D 102 18.44 -6.44 13.11
CA GLY D 102 18.43 -7.86 13.38
C GLY D 102 18.00 -8.20 14.79
N PRO D 103 17.82 -9.51 15.06
CA PRO D 103 17.43 -9.93 16.42
C PRO D 103 18.35 -9.43 17.52
N GLY D 104 19.66 -9.54 17.31
CA GLY D 104 20.61 -9.04 18.30
C GLY D 104 20.48 -7.57 18.59
N LYS D 105 19.92 -6.80 17.66
CA LYS D 105 19.73 -5.36 17.83
C LYS D 105 18.28 -4.98 18.12
N VAL D 106 17.38 -5.96 18.25
CA VAL D 106 15.99 -5.67 18.58
C VAL D 106 15.90 -4.86 19.87
N ASP D 107 16.73 -5.16 20.86
CA ASP D 107 16.61 -4.48 22.15
C ASP D 107 16.97 -3.00 22.02
N ALA D 108 18.13 -2.72 21.43
CA ALA D 108 18.54 -1.33 21.23
C ALA D 108 17.53 -0.58 20.38
N LEU D 109 17.00 -1.24 19.36
CA LEU D 109 16.02 -0.56 18.51
C LEU D 109 14.72 -0.31 19.24
N THR D 110 14.35 -1.19 20.18
CA THR D 110 13.19 -0.93 21.01
C THR D 110 13.40 0.31 21.86
N GLU D 111 14.57 0.41 22.48
CA GLU D 111 14.87 1.57 23.30
C GLU D 111 14.81 2.86 22.47
N LYS D 112 15.44 2.83 21.29
CA LYS D 112 15.43 3.99 20.41
C LYS D 112 14.01 4.35 20.02
N HIS D 113 13.22 3.36 19.61
CA HIS D 113 11.85 3.61 19.18
C HIS D 113 11.03 4.19 20.31
N LEU D 114 11.24 3.70 21.53
CA LEU D 114 10.48 4.19 22.67
C LEU D 114 10.82 5.65 22.96
N LEU D 115 12.11 5.98 23.05
CA LEU D 115 12.47 7.37 23.33
C LEU D 115 12.00 8.29 22.22
N GLU D 116 12.12 7.85 20.96
CA GLU D 116 11.75 8.70 19.84
C GLU D 116 10.26 8.97 19.82
N THR D 117 9.46 7.92 19.94
CA THR D 117 8.02 8.09 19.95
C THR D 117 7.56 8.82 21.20
N GLY D 118 8.30 8.71 22.31
CA GLY D 118 7.99 9.51 23.48
C GLY D 118 8.19 10.98 23.22
N LYS D 119 9.32 11.34 22.62
CA LYS D 119 9.56 12.73 22.25
C LYS D 119 8.49 13.24 21.30
N ALA D 120 8.12 12.43 20.32
CA ALA D 120 7.11 12.86 19.35
C ALA D 120 5.75 13.07 20.01
N ARG D 121 5.35 12.13 20.88
CA ARG D 121 4.09 12.28 21.58
C ARG D 121 4.10 13.49 22.50
N LEU D 122 5.24 13.73 23.15
CA LEU D 122 5.38 14.90 24.00
C LEU D 122 5.20 16.18 23.20
N GLU D 123 5.87 16.25 22.05
CA GLU D 123 5.75 17.43 21.21
C GLU D 123 4.32 17.62 20.71
N GLU D 124 3.63 16.51 20.39
CA GLU D 124 2.24 16.60 19.97
C GLU D 124 1.37 17.16 21.08
N LEU D 125 1.55 16.64 22.30
CA LEU D 125 0.73 17.10 23.42
C LEU D 125 0.99 18.57 23.71
N THR D 126 2.26 18.99 23.69
CA THR D 126 2.58 20.39 23.97
C THR D 126 2.09 21.30 22.86
N ALA D 127 2.14 20.85 21.60
CA ALA D 127 1.66 21.67 20.51
C ALA D 127 0.15 21.82 20.55
N GLY D 128 -0.56 20.77 20.96
CA GLY D 128 -2.01 20.84 21.03
C GLY D 128 -2.51 21.59 22.23
N LEU D 129 -1.78 21.50 23.35
CA LEU D 129 -2.19 22.11 24.61
C LEU D 129 -1.28 23.24 25.07
N GLY D 130 0.02 23.13 24.83
CA GLY D 130 0.95 24.00 25.50
C GLY D 130 0.91 23.69 26.98
N ASN D 131 1.45 24.62 27.77
CA ASN D 131 1.42 24.51 29.23
C ASN D 131 2.12 23.22 29.66
N LYS D 132 3.44 23.24 29.47
CA LYS D 132 4.32 22.09 29.66
C LYS D 132 4.01 21.30 30.93
N ASP D 133 3.62 21.98 32.01
CA ASP D 133 3.15 21.27 33.20
C ASP D 133 1.94 20.39 32.86
N GLU D 134 0.92 20.98 32.23
CA GLU D 134 -0.28 20.23 31.87
C GLU D 134 0.03 19.10 30.90
N GLY D 135 0.84 19.40 29.88
CA GLY D 135 1.21 18.38 28.92
C GLY D 135 1.95 17.22 29.56
N VAL D 136 2.93 17.52 30.41
CA VAL D 136 3.70 16.48 31.09
C VAL D 136 2.78 15.67 31.99
N ASN D 137 1.83 16.32 32.65
CA ASN D 137 0.91 15.58 33.51
C ASN D 137 0.07 14.61 32.70
N ALA D 138 -0.51 15.08 31.59
CA ALA D 138 -1.31 14.21 30.76
C ALA D 138 -0.47 13.07 30.17
N PHE D 139 0.79 13.36 29.85
CA PHE D 139 1.69 12.33 29.34
C PHE D 139 1.95 11.27 30.38
N ARG D 140 2.20 11.69 31.63
CA ARG D 140 2.39 10.73 32.72
C ARG D 140 1.17 9.85 32.90
N LYS D 141 -0.02 10.47 32.85
CA LYS D 141 -1.25 9.70 32.97
C LYS D 141 -1.37 8.68 31.85
N GLU D 142 -1.08 9.10 30.62
CA GLU D 142 -1.18 8.19 29.47
C GLU D 142 -0.23 7.03 29.60
N VAL D 143 1.02 7.31 29.96
CA VAL D 143 2.02 6.25 30.06
C VAL D 143 1.67 5.29 31.19
N GLU D 144 1.20 5.81 32.32
CA GLU D 144 0.81 4.94 33.43
C GLU D 144 -0.36 4.05 33.03
N GLN D 145 -1.35 4.62 32.35
CA GLN D 145 -2.49 3.83 31.93
C GLN D 145 -2.09 2.77 30.93
N GLU D 146 -1.21 3.09 29.99
CA GLU D 146 -0.81 2.12 28.99
C GLU D 146 0.02 1.00 29.60
N GLY D 147 0.87 1.33 30.58
CA GLY D 147 1.58 0.28 31.30
C GLY D 147 0.62 -0.63 32.05
N LYS D 148 -0.36 -0.03 32.74
CA LYS D 148 -1.36 -0.82 33.44
C LYS D 148 -2.12 -1.72 32.47
N TYR D 149 -2.35 -1.24 31.26
CA TYR D 149 -3.09 -2.01 30.27
C TYR D 149 -2.24 -3.16 29.74
N ALA D 150 -0.97 -2.90 29.48
CA ALA D 150 -0.07 -3.91 28.94
C ALA D 150 0.55 -4.78 30.03
N ASN D 151 0.12 -4.65 31.28
CA ASN D 151 0.61 -5.48 32.37
C ASN D 151 2.12 -5.27 32.56
N TRP D 152 2.45 -4.03 32.89
CA TRP D 152 3.80 -3.49 32.84
C TRP D 152 4.08 -2.79 34.15
N PRO D 153 5.30 -2.88 34.71
CA PRO D 153 5.55 -2.22 36.00
C PRO D 153 5.37 -0.72 35.95
N ALA D 154 4.51 -0.22 36.85
CA ALA D 154 4.25 1.21 36.93
C ALA D 154 5.48 1.99 37.30
N GLU D 155 6.36 1.41 38.13
CA GLU D 155 7.61 2.08 38.47
C GLU D 155 8.48 2.23 37.24
N LYS D 156 8.57 1.18 36.42
CA LYS D 156 9.32 1.26 35.18
C LYS D 156 8.74 2.32 34.25
N SER D 157 7.42 2.39 34.16
CA SER D 157 6.81 3.38 33.28
C SER D 157 7.07 4.80 33.77
N LYS D 158 7.02 5.01 35.09
CA LYS D 158 7.31 6.33 35.64
C LYS D 158 8.78 6.70 35.40
N ALA D 159 9.68 5.73 35.54
CA ALA D 159 11.09 5.99 35.27
C ALA D 159 11.29 6.37 33.81
N LEU D 160 10.63 5.67 32.90
CA LEU D 160 10.74 6.01 31.49
C LEU D 160 10.19 7.41 31.22
N ALA D 161 9.07 7.77 31.84
CA ALA D 161 8.49 9.08 31.61
C ALA D 161 9.44 10.18 32.06
N ASP D 162 9.99 10.04 33.28
CA ASP D 162 10.97 11.01 33.76
C ASP D 162 12.19 11.05 32.87
N LYS D 163 12.61 9.89 32.36
CA LYS D 163 13.77 9.82 31.48
C LYS D 163 13.52 10.59 30.19
N VAL D 164 12.34 10.39 29.59
CA VAL D 164 12.00 11.08 28.35
C VAL D 164 11.91 12.58 28.58
N ILE D 165 11.34 12.99 29.72
CA ILE D 165 11.23 14.42 30.01
C ILE D 165 12.62 15.02 30.18
N ALA D 166 13.49 14.35 30.92
CA ALA D 166 14.84 14.86 31.12
C ALA D 166 15.60 14.95 29.80
N ALA D 167 15.38 13.97 28.91
CA ALA D 167 16.07 13.98 27.63
C ALA D 167 15.47 14.98 26.64
N SER D 168 14.23 15.40 26.85
CA SER D 168 13.60 16.37 25.96
C SER D 168 14.32 17.71 26.01
N VAL E 224 -5.89 -32.53 32.21
CA VAL E 224 -6.17 -31.14 31.87
C VAL E 224 -5.67 -30.84 30.47
N ASP E 225 -6.35 -29.91 29.79
CA ASP E 225 -6.06 -29.58 28.40
C ASP E 225 -5.33 -28.24 28.37
N TRP E 226 -4.00 -28.30 28.50
CA TRP E 226 -3.20 -27.10 28.34
C TRP E 226 -3.16 -26.65 26.89
N THR E 227 -3.27 -27.59 25.95
CA THR E 227 -3.18 -27.25 24.54
C THR E 227 -4.31 -26.34 24.10
N SER E 228 -5.45 -26.39 24.79
CA SER E 228 -6.53 -25.48 24.47
C SER E 228 -6.28 -24.12 25.11
N LEU E 229 -7.12 -23.16 24.78
CA LEU E 229 -7.04 -21.79 25.26
C LEU E 229 -8.19 -21.50 26.21
N PRO E 230 -7.98 -20.81 27.33
CA PRO E 230 -9.08 -20.63 28.28
C PRO E 230 -10.07 -19.58 27.84
N ALA E 231 -11.30 -19.73 28.31
CA ALA E 231 -12.35 -18.77 28.02
C ALA E 231 -11.99 -17.43 28.67
N ALA E 232 -11.76 -16.42 27.85
CA ALA E 232 -11.51 -15.08 28.35
C ALA E 232 -12.77 -14.57 29.03
N PRO E 233 -12.67 -13.48 29.80
CA PRO E 233 -13.87 -12.91 30.39
C PRO E 233 -14.84 -12.47 29.33
N PRO E 234 -16.14 -12.43 29.63
CA PRO E 234 -17.12 -12.13 28.59
C PRO E 234 -17.12 -10.65 28.24
N ARG E 235 -17.26 -10.39 26.95
CA ARG E 235 -17.29 -9.03 26.44
C ARG E 235 -18.72 -8.51 26.44
N PRO E 236 -19.08 -7.50 27.26
CA PRO E 236 -20.45 -6.97 27.18
C PRO E 236 -20.74 -6.29 25.86
N SER E 237 -21.95 -5.78 25.70
CA SER E 237 -22.36 -5.17 24.45
C SER E 237 -21.49 -3.93 24.16
N PRO E 238 -21.31 -3.57 22.89
CA PRO E 238 -20.41 -2.45 22.56
C PRO E 238 -20.85 -1.11 23.13
N SER E 239 -22.07 -0.68 22.78
CA SER E 239 -22.64 0.58 23.27
C SER E 239 -21.73 1.76 22.88
N ALA E 240 -21.65 1.97 21.56
CA ALA E 240 -20.75 2.98 21.03
C ALA E 240 -21.15 4.37 21.50
N PRO E 241 -20.21 5.33 21.51
CA PRO E 241 -20.52 6.67 21.99
C PRO E 241 -20.97 7.63 20.89
N ASP E 242 -21.79 8.58 21.32
CA ASP E 242 -22.35 9.56 20.38
C ASP E 242 -21.27 10.39 19.73
N THR E 243 -20.17 10.65 20.43
CA THR E 243 -19.11 11.47 19.85
C THR E 243 -18.46 10.76 18.67
N LEU E 244 -18.06 9.51 18.89
CA LEU E 244 -17.45 8.74 17.82
C LEU E 244 -18.43 8.50 16.69
N ILE E 245 -19.72 8.35 17.00
CA ILE E 245 -20.70 8.16 15.94
C ILE E 245 -20.84 9.43 15.10
N ARG E 246 -20.91 10.59 15.75
CA ARG E 246 -21.00 11.85 15.03
C ARG E 246 -19.77 12.07 14.17
N LEU E 247 -18.60 11.65 14.65
CA LEU E 247 -17.39 11.76 13.85
C LEU E 247 -17.40 10.79 12.69
N LEU E 248 -17.87 9.56 12.92
CA LEU E 248 -17.89 8.50 11.92
C LEU E 248 -19.29 7.90 11.90
N GLY E 249 -20.18 8.52 11.13
CA GLY E 249 -21.53 8.02 10.97
C GLY E 249 -21.62 6.60 10.45
N SER E 250 -21.23 6.41 9.19
CA SER E 250 -21.47 5.16 8.46
C SER E 250 -20.25 4.27 8.38
N VAL E 251 -19.44 4.21 9.44
CA VAL E 251 -18.22 3.42 9.43
C VAL E 251 -18.09 2.52 10.66
N VAL E 252 -18.81 2.80 11.75
CA VAL E 252 -18.63 2.04 12.97
C VAL E 252 -19.13 0.61 12.79
N ASP E 253 -20.17 0.41 11.98
CA ASP E 253 -20.66 -0.94 11.70
C ASP E 253 -19.57 -1.77 11.01
N ASP E 254 -18.96 -1.18 9.98
CA ASP E 254 -17.88 -1.86 9.27
C ASP E 254 -16.72 -2.16 10.20
N LEU E 255 -16.38 -1.21 11.08
CA LEU E 255 -15.26 -1.43 11.98
C LEU E 255 -15.57 -2.52 12.99
N ALA E 256 -16.80 -2.59 13.49
CA ALA E 256 -17.14 -3.63 14.44
C ALA E 256 -17.15 -5.00 13.76
N ASP E 257 -17.62 -5.06 12.51
CA ASP E 257 -17.57 -6.32 11.78
C ASP E 257 -16.13 -6.77 11.58
N ALA E 258 -15.25 -5.85 11.20
CA ALA E 258 -13.84 -6.18 11.05
C ALA E 258 -13.22 -6.57 12.39
N ASP E 259 -13.71 -6.00 13.49
CA ASP E 259 -13.22 -6.38 14.80
C ASP E 259 -13.60 -7.82 15.13
N LYS E 260 -14.83 -8.22 14.78
CA LYS E 260 -15.22 -9.62 14.95
C LYS E 260 -14.35 -10.53 14.09
N VAL E 261 -14.09 -10.10 12.86
CA VAL E 261 -13.24 -10.88 11.96
C VAL E 261 -11.85 -11.07 12.56
N GLU E 262 -11.29 -10.00 13.13
CA GLU E 262 -9.95 -10.07 13.69
C GLU E 262 -9.92 -10.87 14.97
N GLN E 263 -10.98 -10.81 15.77
CA GLN E 263 -11.05 -11.66 16.96
C GLN E 263 -11.16 -13.12 16.58
N LYS E 264 -11.78 -13.43 15.44
CA LYS E 264 -11.85 -14.81 14.99
C LYS E 264 -10.50 -15.28 14.44
N TYR E 265 -10.02 -14.62 13.39
CA TYR E 265 -8.82 -15.08 12.71
C TYR E 265 -7.55 -14.56 13.37
N GLY E 266 -7.30 -13.26 13.29
CA GLY E 266 -6.12 -12.66 13.86
C GLY E 266 -6.12 -12.67 15.38
N LEU F 82 -54.13 30.45 -19.88
CA LEU F 82 -53.00 29.54 -20.01
C LEU F 82 -51.85 30.21 -20.73
N SER F 83 -50.63 29.97 -20.25
CA SER F 83 -49.43 30.52 -20.88
C SER F 83 -48.19 29.84 -20.31
N PRO F 84 -47.11 29.68 -21.08
CA PRO F 84 -45.90 29.06 -20.53
C PRO F 84 -44.90 30.02 -19.92
N ILE F 85 -45.21 31.32 -19.87
CA ILE F 85 -44.26 32.30 -19.35
C ILE F 85 -43.92 32.05 -17.89
N PRO F 86 -44.88 31.93 -16.96
CA PRO F 86 -44.49 31.70 -15.56
C PRO F 86 -43.75 30.39 -15.36
N GLU F 87 -44.10 29.34 -16.09
CA GLU F 87 -43.38 28.08 -15.94
C GLU F 87 -41.95 28.20 -16.46
N HIS F 88 -41.76 28.92 -17.58
CA HIS F 88 -40.41 29.19 -18.05
C HIS F 88 -39.62 29.98 -17.02
N LEU F 89 -40.26 30.97 -16.40
CA LEU F 89 -39.56 31.80 -15.43
C LEU F 89 -39.20 30.98 -14.20
N ARG F 90 -40.06 30.04 -13.81
CA ARG F 90 -39.76 29.22 -12.66
C ARG F 90 -38.68 28.19 -12.98
N LEU F 91 -38.67 27.67 -14.22
CA LEU F 91 -37.55 26.87 -14.69
C LEU F 91 -36.25 27.65 -14.55
N VAL F 92 -36.26 28.90 -15.03
CA VAL F 92 -35.08 29.74 -14.95
C VAL F 92 -34.65 29.92 -13.51
N LYS F 93 -35.59 30.17 -12.61
CA LYS F 93 -35.27 30.34 -11.20
C LYS F 93 -34.63 29.09 -10.63
N ASN F 94 -35.21 27.93 -10.91
CA ASN F 94 -34.68 26.68 -10.39
C ASN F 94 -33.26 26.43 -10.91
N VAL F 95 -33.05 26.63 -12.21
CA VAL F 95 -31.75 26.33 -12.79
C VAL F 95 -30.71 27.33 -12.29
N ALA F 96 -31.11 28.59 -12.11
CA ALA F 96 -30.16 29.58 -11.62
C ALA F 96 -29.79 29.32 -10.17
N GLN F 97 -30.76 28.86 -9.36
CA GLN F 97 -30.43 28.50 -8.00
C GLN F 97 -29.53 27.27 -7.97
N VAL F 98 -29.72 26.34 -8.90
CA VAL F 98 -28.82 25.19 -9.01
C VAL F 98 -27.40 25.67 -9.31
N GLN F 99 -27.27 26.60 -10.26
CA GLN F 99 -25.94 27.10 -10.60
C GLN F 99 -25.31 27.86 -9.46
N ILE F 100 -26.10 28.66 -8.74
CA ILE F 100 -25.56 29.40 -7.61
C ILE F 100 -25.15 28.44 -6.49
N ASP F 101 -25.89 27.36 -6.30
CA ASP F 101 -25.50 26.38 -5.30
C ASP F 101 -24.21 25.68 -5.70
N MET F 102 -24.06 25.38 -6.99
CA MET F 102 -22.79 24.85 -7.49
C MET F 102 -21.65 25.82 -7.21
N LEU F 103 -21.89 27.12 -7.45
CA LEU F 103 -20.85 28.11 -7.24
C LEU F 103 -20.47 28.19 -5.76
N LYS F 104 -21.47 28.19 -4.88
CA LYS F 104 -21.17 28.25 -3.46
C LYS F 104 -20.44 27.00 -3.00
N LEU F 105 -20.79 25.85 -3.56
CA LEU F 105 -20.08 24.62 -3.21
C LEU F 105 -18.63 24.71 -3.63
N LEU F 106 -18.36 25.18 -4.84
CA LEU F 106 -16.99 25.28 -5.31
C LEU F 106 -16.21 26.34 -4.53
N ASN F 107 -16.87 27.43 -4.17
CA ASN F 107 -16.22 28.48 -3.39
C ASN F 107 -15.84 27.97 -2.01
N ALA F 108 -16.75 27.25 -1.35
CA ALA F 108 -16.46 26.71 -0.03
C ALA F 108 -15.38 25.64 -0.11
N GLN F 109 -15.39 24.83 -1.17
CA GLN F 109 -14.34 23.84 -1.35
C GLN F 109 -12.98 24.52 -1.52
N ALA F 110 -12.92 25.56 -2.36
CA ALA F 110 -11.66 26.26 -2.59
C ALA F 110 -11.17 26.92 -1.31
N ALA F 111 -12.08 27.51 -0.54
CA ALA F 111 -11.70 28.14 0.72
C ALA F 111 -11.17 27.11 1.70
N LYS F 112 -12.02 26.15 2.07
CA LYS F 112 -11.70 25.03 2.99
C LYS F 112 -10.83 25.42 4.18
N ASN G 50 -38.41 24.69 -29.00
CA ASN G 50 -38.20 24.14 -27.67
C ASN G 50 -37.54 25.19 -26.76
N TYR G 51 -37.76 25.04 -25.45
CA TYR G 51 -37.27 25.98 -24.45
C TYR G 51 -36.41 25.34 -23.39
N ASN G 52 -36.20 24.03 -23.42
CA ASN G 52 -35.44 23.37 -22.37
C ASN G 52 -33.99 23.82 -22.40
N PHE G 53 -33.28 23.49 -21.33
CA PHE G 53 -31.90 23.90 -21.12
C PHE G 53 -31.03 22.67 -20.98
N ILE G 54 -29.84 22.75 -21.53
CA ILE G 54 -28.90 21.64 -21.54
C ILE G 54 -28.10 21.63 -20.25
N ASN G 55 -27.83 20.41 -19.77
CA ASN G 55 -27.05 20.19 -18.56
C ASN G 55 -26.19 18.97 -18.80
N ASN G 56 -24.90 19.20 -19.08
CA ASN G 56 -23.99 18.11 -19.43
C ASN G 56 -23.90 17.07 -18.32
N ASN G 57 -23.95 17.50 -17.06
CA ASN G 57 -23.72 16.62 -15.91
C ASN G 57 -25.00 15.97 -15.41
N THR G 58 -26.00 15.80 -16.27
CA THR G 58 -27.25 15.13 -15.90
C THR G 58 -27.70 14.21 -17.02
#